data_4JNG
#
_entry.id   4JNG
#
_cell.length_a   76.350
_cell.length_b   85.960
_cell.length_c   77.330
_cell.angle_alpha   90.00
_cell.angle_beta   102.02
_cell.angle_gamma   90.00
#
_symmetry.space_group_name_H-M   'P 1 21 1'
#
loop_
_entity.id
_entity.type
_entity.pdbx_description
1 polymer 'RNA (42-MER)'
2 polymer 'Nucleocapsid protein'
3 water water
#
loop_
_entity_poly.entity_id
_entity_poly.type
_entity_poly.pdbx_seq_one_letter_code
_entity_poly.pdbx_strand_id
1 'polyribonucleotide' UUUUUUUUUUUUUUUUUUUUUUUUUUUUUUUUUUUUUUUUUU L
2 'polypeptide(L)'
;MSSQFIFEDVPQRNAATFNPEVGYVAFIGKYGQQLNFGVARVFFLNQKKAKMVLHKTAQPSVDLTFGGVKFTVVNNHFPQ
YVSNPVPDNAITLHRMSGYLARWIADTCKASVLKLAEASAQIVMPLAEVKGCTWADGYTMYLGFAPGAEMFLDAFDFYPL
VIEMHRVLKDNMDVNFMKKVLRQRYGTMTAEEWMTQKITEIKAAFNSVGQLAWAKSGFSPAARTFLQQFGINI
;
A,B,C,D
#
# COMPACT_ATOMS: atom_id res chain seq x y z
N GLN B 4 12.35 15.99 0.09
CA GLN B 4 13.36 17.11 0.00
C GLN B 4 14.08 17.11 -1.35
N PHE B 5 14.50 18.30 -1.74
CA PHE B 5 14.79 18.63 -3.14
C PHE B 5 16.28 18.72 -3.41
N ILE B 6 17.10 18.36 -2.42
CA ILE B 6 18.54 18.48 -2.54
C ILE B 6 19.15 17.08 -2.58
N PHE B 7 19.95 16.82 -3.60
CA PHE B 7 20.51 15.49 -3.79
C PHE B 7 22.03 15.58 -3.84
N GLU B 8 22.69 14.76 -3.03
CA GLU B 8 24.15 14.82 -3.00
C GLU B 8 24.84 13.47 -3.13
N ASP B 9 26.12 13.56 -3.49
CA ASP B 9 27.06 12.44 -3.50
C ASP B 9 27.52 12.31 -2.05
N VAL B 10 27.83 11.13 -1.48
CA VAL B 10 27.72 9.73 -1.98
C VAL B 10 28.81 9.19 -2.90
N PRO B 11 30.08 9.38 -2.50
CA PRO B 11 31.14 8.62 -3.15
C PRO B 11 31.05 7.21 -2.62
N GLN B 12 31.26 6.22 -3.47
CA GLN B 12 31.32 4.86 -2.97
C GLN B 12 32.07 3.91 -3.89
N ARG B 13 32.75 2.98 -3.24
CA ARG B 13 33.63 2.01 -3.87
C ARG B 13 33.07 0.61 -3.69
N ASN B 14 33.91 -0.37 -4.02
CA ASN B 14 33.69 -1.76 -3.63
C ASN B 14 34.59 -1.99 -2.42
N ALA B 15 34.39 -3.12 -1.75
CA ALA B 15 34.96 -3.38 -0.42
C ALA B 15 34.39 -2.47 0.68
N ALA B 16 33.77 -3.09 1.68
CA ALA B 16 33.31 -2.38 2.86
C ALA B 16 34.50 -2.13 3.78
N THR B 17 34.58 -0.93 4.33
CA THR B 17 35.56 -0.62 5.38
C THR B 17 35.03 -1.05 6.76
N PHE B 18 33.73 -1.36 6.83
CA PHE B 18 33.09 -1.69 8.09
C PHE B 18 33.49 -3.09 8.58
N ASN B 19 34.16 -3.14 9.73
CA ASN B 19 34.51 -4.38 10.40
C ASN B 19 33.75 -4.41 11.73
N PRO B 20 32.69 -5.25 11.82
CA PRO B 20 31.81 -5.30 12.98
C PRO B 20 32.54 -5.52 14.32
N GLU B 21 33.65 -6.26 14.28
CA GLU B 21 34.46 -6.52 15.47
C GLU B 21 35.06 -5.23 16.01
N VAL B 22 35.54 -4.36 15.13
CA VAL B 22 36.07 -3.07 15.54
C VAL B 22 34.95 -2.11 15.95
N GLY B 23 33.83 -2.16 15.24
CA GLY B 23 32.65 -1.38 15.62
C GLY B 23 32.15 -1.75 17.01
N TYR B 24 32.11 -3.05 17.28
CA TYR B 24 31.67 -3.58 18.56
C TYR B 24 32.53 -3.05 19.71
N VAL B 25 33.84 -3.13 19.52
CA VAL B 25 34.78 -2.71 20.55
C VAL B 25 34.67 -1.21 20.77
N ALA B 26 34.45 -0.43 19.70
CA ALA B 26 34.24 1.02 19.85
C ALA B 26 32.94 1.33 20.61
N PHE B 27 31.94 0.50 20.41
CA PHE B 27 30.66 0.64 21.10
C PHE B 27 30.82 0.34 22.59
N ILE B 28 31.59 -0.71 22.90
CA ILE B 28 31.89 -1.04 24.29
C ILE B 28 32.75 0.06 24.90
N GLY B 29 33.69 0.58 24.13
CA GLY B 29 34.46 1.75 24.55
C GLY B 29 33.60 2.94 24.96
N LYS B 30 32.57 3.25 24.17
CA LYS B 30 31.73 4.41 24.44
C LYS B 30 30.68 4.18 25.52
N TYR B 31 30.02 3.01 25.50
CA TYR B 31 28.85 2.78 26.34
C TYR B 31 29.01 1.65 27.37
N GLY B 32 30.11 0.91 27.27
CA GLY B 32 30.27 -0.33 28.03
C GLY B 32 30.07 -0.21 29.52
N GLN B 33 30.58 0.86 30.11
CA GLN B 33 30.46 1.06 31.56
C GLN B 33 29.02 1.34 31.98
N GLN B 34 28.16 1.69 31.03
CA GLN B 34 26.78 2.01 31.33
C GLN B 34 25.80 0.86 31.11
N LEU B 35 26.26 -0.24 30.53
CA LEU B 35 25.36 -1.32 30.17
C LEU B 35 25.04 -2.24 31.34
N ASN B 36 23.80 -2.69 31.40
CA ASN B 36 23.38 -3.78 32.26
C ASN B 36 22.21 -4.47 31.59
N PHE B 37 21.77 -5.60 32.15
CA PHE B 37 20.72 -6.40 31.53
C PHE B 37 19.35 -5.71 31.49
N GLY B 38 19.12 -4.75 32.39
CA GLY B 38 17.88 -3.97 32.35
C GLY B 38 17.87 -3.06 31.13
N VAL B 39 19.02 -2.49 30.81
CA VAL B 39 19.13 -1.61 29.65
C VAL B 39 18.91 -2.41 28.37
N ALA B 40 19.50 -3.60 28.29
CA ALA B 40 19.30 -4.46 27.11
C ALA B 40 17.87 -5.00 27.08
N ARG B 41 17.30 -5.26 28.25
CA ARG B 41 15.91 -5.72 28.32
C ARG B 41 14.96 -4.73 27.67
N VAL B 42 15.18 -3.45 27.97
CA VAL B 42 14.34 -2.40 27.44
C VAL B 42 14.59 -2.23 25.94
N PHE B 43 15.86 -2.23 25.53
CA PHE B 43 16.15 -2.13 24.11
C PHE B 43 15.34 -3.14 23.29
N PHE B 44 15.47 -4.42 23.64
CA PHE B 44 14.93 -5.49 22.78
C PHE B 44 13.41 -5.60 22.78
N LEU B 45 12.74 -5.09 23.82
CA LEU B 45 11.27 -5.04 23.76
C LEU B 45 10.75 -3.79 23.03
N ASN B 46 11.56 -2.74 22.94
CA ASN B 46 11.15 -1.48 22.33
C ASN B 46 11.83 -1.20 20.99
N GLN B 47 12.38 -2.25 20.39
CA GLN B 47 13.21 -2.08 19.21
C GLN B 47 12.36 -1.84 17.97
N LYS B 48 11.25 -2.55 17.84
CA LYS B 48 10.28 -2.30 16.79
C LYS B 48 9.69 -0.90 16.91
N LYS B 49 9.36 -0.50 18.14
CA LYS B 49 8.81 0.82 18.40
C LYS B 49 9.78 1.95 18.05
N ALA B 50 11.06 1.78 18.38
CA ALA B 50 12.06 2.81 18.14
C ALA B 50 12.28 3.01 16.64
N LYS B 51 12.13 1.90 15.93
CA LYS B 51 12.30 1.84 14.49
C LYS B 51 11.16 2.60 13.80
N MET B 52 9.94 2.45 14.33
CA MET B 52 8.79 3.22 13.86
C MET B 52 8.96 4.71 14.14
N VAL B 53 9.48 5.03 15.32
CA VAL B 53 9.80 6.41 15.66
C VAL B 53 10.75 6.94 14.59
N LEU B 54 11.91 6.30 14.45
CA LEU B 54 12.93 6.71 13.48
C LEU B 54 12.42 6.79 12.02
N HIS B 55 11.53 5.87 11.67
CA HIS B 55 10.93 5.83 10.34
C HIS B 55 10.12 7.09 10.02
N LYS B 56 9.54 7.71 11.06
CA LYS B 56 8.75 8.92 10.91
C LYS B 56 9.48 10.19 11.38
N THR B 57 10.74 10.05 11.77
CA THR B 57 11.49 11.17 12.33
C THR B 57 12.53 11.72 11.35
N ALA B 58 12.48 13.03 11.12
CA ALA B 58 13.26 13.66 10.07
C ALA B 58 14.48 14.40 10.61
N GLN B 59 15.29 13.71 11.41
CA GLN B 59 16.67 14.13 11.63
C GLN B 59 17.57 12.94 11.35
N PRO B 60 18.69 13.18 10.64
CA PRO B 60 19.56 12.09 10.25
C PRO B 60 20.26 11.39 11.42
N SER B 61 20.21 11.97 12.62
CA SER B 61 20.68 11.28 13.81
C SER B 61 19.86 11.68 15.05
N VAL B 62 19.66 10.71 15.96
CA VAL B 62 18.73 10.87 17.06
C VAL B 62 19.28 10.26 18.33
N ASP B 63 19.11 10.97 19.43
CA ASP B 63 19.46 10.49 20.76
C ASP B 63 18.32 9.66 21.34
N LEU B 64 18.52 8.34 21.44
CA LEU B 64 17.51 7.46 22.02
C LEU B 64 17.94 6.97 23.37
N THR B 65 17.00 6.94 24.32
CA THR B 65 17.30 6.51 25.70
C THR B 65 16.58 5.21 26.01
N PHE B 66 17.35 4.17 26.33
CA PHE B 66 16.81 2.88 26.74
C PHE B 66 17.22 2.55 28.19
N GLY B 67 16.23 2.39 29.07
CA GLY B 67 16.50 2.12 30.49
C GLY B 67 17.51 3.08 31.09
N GLY B 68 17.34 4.37 30.80
CA GLY B 68 18.16 5.41 31.39
C GLY B 68 19.46 5.73 30.69
N VAL B 69 19.90 4.86 29.76
CA VAL B 69 21.16 5.09 29.05
C VAL B 69 20.86 5.69 27.67
N LYS B 70 21.51 6.82 27.36
CA LYS B 70 21.29 7.56 26.11
C LYS B 70 22.30 7.20 25.01
N PHE B 71 21.78 6.82 23.85
CA PHE B 71 22.59 6.42 22.70
C PHE B 71 22.38 7.37 21.52
N THR B 72 23.45 7.76 20.86
CA THR B 72 23.36 8.52 19.61
C THR B 72 23.25 7.53 18.46
N VAL B 73 22.14 7.59 17.76
CA VAL B 73 21.79 6.62 16.72
C VAL B 73 21.72 7.33 15.35
N VAL B 74 22.34 6.73 14.33
CA VAL B 74 22.19 7.18 12.95
C VAL B 74 20.84 6.67 12.41
N ASN B 75 20.03 7.60 11.92
CA ASN B 75 18.69 7.31 11.45
C ASN B 75 18.65 7.22 9.93
N ASN B 76 18.73 5.99 9.41
CA ASN B 76 18.59 5.69 7.98
C ASN B 76 17.25 5.03 7.68
N HIS B 77 16.31 5.11 8.63
CA HIS B 77 14.99 4.52 8.46
C HIS B 77 14.01 5.45 7.75
N PHE B 78 14.07 6.74 8.09
CA PHE B 78 13.28 7.75 7.40
C PHE B 78 13.62 7.65 5.90
N PRO B 79 12.60 7.46 5.05
CA PRO B 79 12.80 7.13 3.63
C PRO B 79 13.93 7.91 2.96
N GLN B 80 13.91 9.22 3.12
CA GLN B 80 14.91 10.11 2.53
C GLN B 80 16.36 9.74 2.89
N TYR B 81 16.55 9.20 4.10
CA TYR B 81 17.88 8.93 4.63
C TYR B 81 18.40 7.52 4.30
N VAL B 82 17.57 6.68 3.69
CA VAL B 82 17.94 5.28 3.47
C VAL B 82 19.31 5.08 2.79
N SER B 83 19.77 6.05 1.99
CA SER B 83 21.09 5.93 1.38
C SER B 83 22.18 6.85 1.97
N ASN B 84 21.91 7.52 3.10
CA ASN B 84 22.97 8.26 3.82
C ASN B 84 24.11 7.33 4.23
N PRO B 85 25.37 7.80 4.13
CA PRO B 85 26.51 7.01 4.60
C PRO B 85 26.56 6.94 6.13
N VAL B 86 26.91 5.79 6.67
CA VAL B 86 27.01 5.59 8.14
C VAL B 86 28.50 5.44 8.51
N PRO B 87 28.99 6.25 9.48
CA PRO B 87 30.40 6.05 9.84
C PRO B 87 30.65 4.63 10.37
N ASP B 88 31.90 4.17 10.31
CA ASP B 88 32.22 2.79 10.67
C ASP B 88 32.06 2.54 12.18
N ASN B 89 32.23 3.59 12.98
CA ASN B 89 32.05 3.50 14.44
C ASN B 89 30.72 4.07 14.91
N ALA B 90 29.80 4.29 13.97
CA ALA B 90 28.46 4.76 14.34
C ALA B 90 27.54 3.57 14.50
N ILE B 91 26.47 3.78 15.27
CA ILE B 91 25.46 2.75 15.48
C ILE B 91 24.14 3.18 14.87
N THR B 92 23.58 2.28 14.08
CA THR B 92 22.19 2.32 13.71
C THR B 92 21.48 1.45 14.71
N LEU B 93 20.16 1.44 14.63
CA LEU B 93 19.35 0.56 15.43
C LEU B 93 19.74 -0.89 15.21
N HIS B 94 20.00 -1.23 13.95
CA HIS B 94 20.37 -2.56 13.58
C HIS B 94 21.72 -2.95 14.17
N ARG B 95 22.71 -2.07 14.06
CA ARG B 95 24.04 -2.36 14.55
C ARG B 95 24.02 -2.51 16.09
N MET B 96 23.31 -1.59 16.73
CA MET B 96 23.19 -1.52 18.18
C MET B 96 22.63 -2.83 18.74
N SER B 97 21.59 -3.34 18.08
CA SER B 97 20.99 -4.62 18.41
C SER B 97 21.98 -5.78 18.38
N GLY B 98 22.82 -5.81 17.33
CA GLY B 98 23.85 -6.84 17.21
C GLY B 98 24.93 -6.68 18.28
N TYR B 99 25.38 -5.46 18.49
CA TYR B 99 26.39 -5.22 19.53
C TYR B 99 25.88 -5.65 20.90
N LEU B 100 24.65 -5.25 21.25
CA LEU B 100 24.07 -5.58 22.57
C LEU B 100 23.89 -7.08 22.77
N ALA B 101 23.41 -7.76 21.74
CA ALA B 101 23.32 -9.22 21.75
C ALA B 101 24.69 -9.86 22.01
N ARG B 102 25.70 -9.36 21.30
CA ARG B 102 27.06 -9.82 21.46
C ARG B 102 27.60 -9.53 22.86
N TRP B 103 27.25 -8.36 23.41
CA TRP B 103 27.65 -8.00 24.76
C TRP B 103 27.05 -8.99 25.78
N ILE B 104 25.78 -9.31 25.62
CA ILE B 104 25.10 -10.24 26.52
C ILE B 104 25.79 -11.60 26.47
N ALA B 105 26.06 -12.08 25.26
CA ALA B 105 26.71 -13.36 25.06
C ALA B 105 28.11 -13.38 25.64
N ASP B 106 28.87 -12.29 25.46
CA ASP B 106 30.19 -12.17 26.07
C ASP B 106 30.13 -12.19 27.61
N THR B 107 29.08 -11.61 28.17
CA THR B 107 28.88 -11.63 29.61
C THR B 107 28.38 -12.99 30.10
N CYS B 108 27.64 -13.70 29.25
CA CYS B 108 27.02 -14.98 29.63
C CYS B 108 27.96 -16.16 29.48
N LYS B 109 28.85 -16.07 28.49
CA LYS B 109 29.85 -17.08 28.26
C LYS B 109 30.76 -17.28 29.47
N ALA B 110 31.03 -16.18 30.18
CA ALA B 110 31.99 -16.20 31.28
C ALA B 110 31.47 -16.93 32.52
N SER B 111 30.23 -16.66 32.92
CA SER B 111 29.74 -17.09 34.23
C SER B 111 28.29 -17.57 34.27
N VAL B 112 28.11 -18.72 34.91
CA VAL B 112 26.80 -19.30 35.15
C VAL B 112 25.84 -18.30 35.83
N LEU B 113 26.38 -17.49 36.74
CA LEU B 113 25.58 -16.47 37.44
C LEU B 113 25.03 -15.42 36.46
N LYS B 114 25.87 -14.90 35.57
CA LYS B 114 25.43 -13.92 34.58
C LYS B 114 24.39 -14.51 33.61
N LEU B 115 24.62 -15.74 33.17
CA LEU B 115 23.64 -16.43 32.35
C LEU B 115 22.28 -16.50 33.05
N ALA B 116 22.27 -16.92 34.32
CA ALA B 116 21.03 -17.06 35.08
C ALA B 116 20.24 -15.74 35.17
N GLU B 117 20.93 -14.62 35.41
CA GLU B 117 20.23 -13.33 35.47
C GLU B 117 19.79 -12.83 34.08
N ALA B 118 20.64 -12.97 33.07
CA ALA B 118 20.22 -12.60 31.71
C ALA B 118 18.96 -13.35 31.36
N SER B 119 18.93 -14.65 31.66
CA SER B 119 17.79 -15.52 31.35
C SER B 119 16.49 -15.09 32.05
N ALA B 120 16.61 -14.44 33.21
CA ALA B 120 15.44 -14.00 33.96
C ALA B 120 14.97 -12.59 33.60
N GLN B 121 15.85 -11.77 33.04
CA GLN B 121 15.52 -10.38 32.69
C GLN B 121 15.25 -10.13 31.19
N ILE B 122 16.03 -10.76 30.32
CA ILE B 122 16.03 -10.41 28.88
C ILE B 122 15.13 -11.27 28.02
N VAL B 123 14.32 -10.60 27.19
CA VAL B 123 13.35 -11.23 26.33
C VAL B 123 13.68 -10.94 24.88
N MET B 124 13.75 -11.98 24.06
CA MET B 124 13.99 -11.84 22.62
C MET B 124 12.70 -12.22 21.90
N PRO B 125 11.82 -11.23 21.66
CA PRO B 125 10.62 -11.51 20.88
C PRO B 125 10.97 -11.62 19.41
N LEU B 126 11.22 -12.85 18.97
CA LEU B 126 11.70 -13.16 17.63
C LEU B 126 12.18 -14.60 17.69
N ALA B 127 12.92 -14.89 18.76
CA ALA B 127 13.28 -16.24 19.13
C ALA B 127 12.07 -16.98 19.64
N GLU B 128 11.29 -16.33 20.51
CA GLU B 128 10.17 -16.96 21.20
C GLU B 128 9.15 -17.51 20.24
N VAL B 129 8.71 -16.67 19.31
CA VAL B 129 7.61 -17.03 18.43
C VAL B 129 7.97 -18.23 17.53
N LYS B 130 9.26 -18.55 17.46
CA LYS B 130 9.75 -19.78 16.83
C LYS B 130 9.98 -20.93 17.83
N GLY B 131 9.52 -20.77 19.07
CA GLY B 131 9.68 -21.77 20.13
C GLY B 131 11.08 -21.92 20.71
N CYS B 132 11.82 -20.82 20.87
CA CYS B 132 13.23 -20.91 21.27
C CYS B 132 13.46 -21.01 22.79
N THR B 133 13.31 -19.89 23.51
CA THR B 133 13.65 -19.80 24.95
C THR B 133 15.14 -19.95 25.28
N TRP B 134 15.52 -19.38 26.42
CA TRP B 134 16.90 -19.46 26.93
C TRP B 134 17.34 -20.91 27.14
N ALA B 135 16.36 -21.81 27.26
CA ALA B 135 16.60 -23.24 27.39
C ALA B 135 17.46 -23.82 26.28
N ASP B 136 17.29 -23.31 25.07
CA ASP B 136 18.04 -23.79 23.90
C ASP B 136 19.48 -23.26 23.87
N GLY B 137 19.89 -22.53 24.91
CA GLY B 137 21.25 -22.01 24.99
C GLY B 137 21.31 -20.57 24.51
N TYR B 138 22.23 -19.81 25.09
CA TYR B 138 22.35 -18.38 24.83
C TYR B 138 22.68 -18.05 23.36
N THR B 139 23.45 -18.90 22.69
CA THR B 139 23.88 -18.60 21.32
C THR B 139 22.73 -18.69 20.32
N MET B 140 21.83 -19.66 20.50
CA MET B 140 20.68 -19.80 19.60
C MET B 140 19.65 -18.71 19.85
N TYR B 141 19.33 -18.50 21.13
CA TYR B 141 18.32 -17.53 21.55
C TYR B 141 18.70 -16.09 21.19
N LEU B 142 19.94 -15.72 21.46
CA LEU B 142 20.41 -14.38 21.14
C LEU B 142 20.74 -14.26 19.67
N GLY B 143 21.03 -15.40 19.03
CA GLY B 143 21.25 -15.45 17.58
C GLY B 143 20.07 -14.95 16.76
N PHE B 144 18.89 -14.90 17.37
CA PHE B 144 17.69 -14.36 16.73
C PHE B 144 17.67 -12.83 16.66
N ALA B 145 18.56 -12.15 17.39
CA ALA B 145 18.56 -10.69 17.40
C ALA B 145 18.91 -10.10 16.03
N PRO B 146 18.25 -9.00 15.65
CA PRO B 146 18.75 -8.33 14.44
C PRO B 146 20.18 -7.87 14.69
N GLY B 147 21.03 -7.99 13.68
CA GLY B 147 22.43 -7.62 13.80
C GLY B 147 23.35 -8.71 14.34
N ALA B 148 22.79 -9.82 14.83
CA ALA B 148 23.61 -10.94 15.29
C ALA B 148 24.39 -11.60 14.14
N GLU B 149 23.88 -11.47 12.92
CA GLU B 149 24.58 -12.01 11.73
C GLU B 149 25.95 -11.38 11.46
N MET B 150 26.24 -10.23 12.06
CA MET B 150 27.57 -9.65 12.05
C MET B 150 28.60 -10.47 12.86
N PHE B 151 28.14 -11.43 13.67
CA PHE B 151 29.03 -12.22 14.52
C PHE B 151 28.71 -13.71 14.43
N LEU B 152 28.86 -14.27 13.23
CA LEU B 152 28.64 -15.71 13.05
C LEU B 152 29.52 -16.57 13.99
N ASP B 153 30.76 -16.12 14.25
CA ASP B 153 31.66 -16.82 15.17
C ASP B 153 31.11 -16.90 16.61
N ALA B 154 30.66 -15.76 17.12
CA ALA B 154 30.17 -15.64 18.49
C ALA B 154 28.83 -16.35 18.71
N PHE B 155 28.01 -16.42 17.66
CA PHE B 155 26.70 -17.05 17.77
C PHE B 155 26.64 -18.41 17.06
N ASP B 156 27.81 -19.01 16.87
CA ASP B 156 27.92 -20.38 16.36
C ASP B 156 26.99 -20.61 15.16
N PHE B 157 27.13 -19.73 14.17
CA PHE B 157 26.42 -19.80 12.89
C PHE B 157 24.88 -19.72 12.95
N TYR B 158 24.29 -19.51 14.12
CA TYR B 158 22.83 -19.56 14.23
C TYR B 158 22.08 -18.53 13.37
N PRO B 159 22.55 -17.27 13.33
CA PRO B 159 21.83 -16.27 12.54
C PRO B 159 21.78 -16.61 11.05
N LEU B 160 22.83 -17.23 10.52
CA LEU B 160 22.87 -17.70 9.14
C LEU B 160 21.80 -18.74 8.85
N VAL B 161 21.74 -19.78 9.67
CA VAL B 161 20.81 -20.88 9.43
C VAL B 161 19.39 -20.52 9.83
N ILE B 162 19.23 -19.67 10.86
CA ILE B 162 17.92 -19.10 11.21
C ILE B 162 17.29 -18.39 10.00
N GLU B 163 18.12 -17.75 9.19
CA GLU B 163 17.63 -17.03 8.02
C GLU B 163 17.31 -18.00 6.88
N MET B 164 18.16 -19.01 6.70
CA MET B 164 17.88 -20.06 5.74
C MET B 164 16.51 -20.65 6.02
N HIS B 165 16.30 -21.10 7.26
CA HIS B 165 15.01 -21.64 7.69
C HIS B 165 13.85 -20.66 7.47
N ARG B 166 14.11 -19.35 7.59
CA ARG B 166 13.06 -18.37 7.34
C ARG B 166 12.64 -18.34 5.86
N VAL B 167 13.58 -18.56 4.95
CA VAL B 167 13.27 -18.64 3.52
C VAL B 167 12.51 -19.94 3.23
N LEU B 168 12.88 -21.02 3.91
CA LEU B 168 12.34 -22.34 3.64
C LEU B 168 10.96 -22.58 4.24
N LYS B 169 10.78 -22.25 5.52
CA LYS B 169 9.55 -22.58 6.23
C LYS B 169 8.55 -21.43 6.20
N ASP B 170 9.04 -20.24 6.49
CA ASP B 170 8.29 -19.02 6.22
C ASP B 170 8.56 -18.72 4.75
N ASN B 171 7.86 -17.75 4.18
CA ASN B 171 8.11 -17.35 2.80
C ASN B 171 8.79 -15.99 2.78
N MET B 172 9.91 -15.90 3.49
CA MET B 172 10.73 -14.71 3.55
C MET B 172 11.31 -14.44 2.17
N ASP B 173 11.08 -13.23 1.66
CA ASP B 173 11.75 -12.77 0.46
C ASP B 173 13.20 -13.26 0.51
N VAL B 174 13.65 -13.90 -0.56
CA VAL B 174 14.94 -14.58 -0.56
C VAL B 174 16.10 -13.59 -0.38
N ASN B 175 15.83 -12.31 -0.62
CA ASN B 175 16.73 -11.25 -0.14
C ASN B 175 16.71 -11.29 1.39
N PHE B 176 17.16 -10.24 2.07
CA PHE B 176 17.36 -10.30 3.53
C PHE B 176 18.56 -11.21 3.88
N MET B 177 18.70 -12.31 3.14
CA MET B 177 19.87 -13.19 3.27
C MET B 177 21.10 -12.57 2.61
N LYS B 178 20.87 -11.55 1.79
CA LYS B 178 21.94 -10.84 1.14
C LYS B 178 23.08 -10.50 2.09
N LYS B 179 22.74 -9.90 3.23
CA LYS B 179 23.76 -9.43 4.17
C LYS B 179 24.56 -10.57 4.77
N VAL B 180 23.86 -11.54 5.32
CA VAL B 180 24.51 -12.62 6.06
C VAL B 180 25.47 -13.41 5.16
N LEU B 181 25.08 -13.60 3.91
CA LEU B 181 25.88 -14.39 2.99
C LEU B 181 27.23 -13.76 2.65
N ARG B 182 27.38 -12.46 2.91
CA ARG B 182 28.70 -11.83 2.75
C ARG B 182 29.40 -11.44 4.05
N GLN B 183 28.85 -11.85 5.19
CA GLN B 183 29.55 -11.71 6.45
C GLN B 183 30.65 -12.74 6.52
N ARG B 184 31.70 -12.46 7.30
CA ARG B 184 32.77 -13.43 7.50
C ARG B 184 32.68 -14.12 8.85
N TYR B 185 33.46 -15.19 8.99
CA TYR B 185 33.44 -16.02 10.18
C TYR B 185 34.82 -15.98 10.84
N GLY B 186 34.91 -15.26 11.95
CA GLY B 186 36.13 -15.18 12.76
C GLY B 186 37.39 -14.95 11.96
N THR B 187 37.97 -16.04 11.47
CA THR B 187 39.18 -15.97 10.65
C THR B 187 38.88 -15.45 9.23
N MET B 188 38.19 -16.23 8.40
CA MET B 188 38.17 -15.98 6.95
C MET B 188 36.83 -15.60 6.32
N THR B 189 36.90 -15.26 5.03
CA THR B 189 35.76 -14.74 4.25
C THR B 189 34.67 -15.79 4.03
N ALA B 190 33.59 -15.37 3.36
CA ALA B 190 32.42 -16.23 3.16
C ALA B 190 32.75 -17.47 2.34
N GLU B 191 33.26 -17.27 1.12
CA GLU B 191 33.68 -18.39 0.27
C GLU B 191 34.51 -19.42 1.04
N GLU B 192 35.25 -18.95 2.03
CA GLU B 192 36.11 -19.81 2.85
C GLU B 192 35.28 -20.64 3.85
N TRP B 193 34.44 -19.99 4.65
CA TRP B 193 33.60 -20.72 5.62
C TRP B 193 32.42 -21.43 4.97
N MET B 194 32.02 -20.99 3.78
CA MET B 194 30.90 -21.60 3.06
C MET B 194 31.09 -23.10 2.82
N THR B 195 32.34 -23.56 2.68
CA THR B 195 32.63 -24.98 2.50
C THR B 195 33.67 -25.57 3.46
N GLN B 196 34.55 -24.73 4.01
CA GLN B 196 35.54 -25.20 4.99
C GLN B 196 34.92 -25.38 6.39
N LYS B 197 33.79 -24.72 6.65
CA LYS B 197 33.04 -24.89 7.91
C LYS B 197 31.65 -25.47 7.67
N ILE B 198 31.46 -26.13 6.53
CA ILE B 198 30.18 -26.73 6.13
C ILE B 198 29.63 -27.73 7.17
N THR B 199 30.52 -28.44 7.86
CA THR B 199 30.13 -29.44 8.88
C THR B 199 29.50 -28.77 10.10
N GLU B 200 30.15 -27.72 10.59
CA GLU B 200 29.59 -26.90 11.67
C GLU B 200 28.24 -26.30 11.27
N ILE B 201 28.16 -25.80 10.04
CA ILE B 201 26.97 -25.11 9.56
C ILE B 201 25.80 -26.08 9.44
N LYS B 202 26.06 -27.23 8.82
CA LYS B 202 25.04 -28.27 8.68
C LYS B 202 24.59 -28.75 10.07
N ALA B 203 25.54 -28.84 11.01
CA ALA B 203 25.20 -29.19 12.39
C ALA B 203 24.24 -28.17 13.00
N ALA B 204 24.62 -26.89 12.97
CA ALA B 204 23.78 -25.81 13.52
C ALA B 204 22.45 -25.67 12.77
N PHE B 205 22.47 -25.88 11.45
CA PHE B 205 21.24 -25.92 10.64
C PHE B 205 20.29 -26.99 11.19
N ASN B 206 20.86 -28.15 11.54
CA ASN B 206 20.14 -29.26 12.16
C ASN B 206 19.59 -28.88 13.54
N SER B 207 20.42 -28.23 14.36
CA SER B 207 20.01 -27.77 15.69
C SER B 207 18.76 -26.90 15.64
N VAL B 208 18.78 -25.88 14.77
CA VAL B 208 17.63 -25.00 14.56
C VAL B 208 16.52 -25.76 13.85
N GLY B 209 16.90 -26.72 13.02
CA GLY B 209 15.94 -27.55 12.29
C GLY B 209 15.09 -28.44 13.18
N GLN B 210 15.54 -28.68 14.41
CA GLN B 210 14.77 -29.49 15.37
C GLN B 210 14.06 -28.63 16.41
N LEU B 211 14.06 -27.31 16.19
CA LEU B 211 13.27 -26.37 16.97
C LEU B 211 11.79 -26.50 16.58
N ALA B 212 10.90 -25.96 17.40
CA ALA B 212 9.48 -25.97 17.11
C ALA B 212 9.07 -24.94 16.06
N TRP B 213 8.29 -25.39 15.09
CA TRP B 213 7.48 -24.55 14.19
C TRP B 213 7.62 -23.00 14.30
N ALA B 214 7.16 -22.30 15.35
CA ALA B 214 6.30 -22.79 16.42
C ALA B 214 5.02 -21.93 16.50
N LYS B 215 4.15 -22.10 15.51
CA LYS B 215 2.91 -21.34 15.40
C LYS B 215 1.87 -21.94 16.36
N SER B 216 1.55 -21.22 17.44
CA SER B 216 0.80 -21.81 18.55
C SER B 216 0.36 -20.85 19.66
N GLY B 217 -0.60 -21.33 20.45
CA GLY B 217 -1.03 -20.65 21.67
C GLY B 217 -1.93 -21.51 22.54
N PHE B 218 -1.36 -22.55 23.17
CA PHE B 218 -1.96 -23.22 24.34
C PHE B 218 -3.06 -24.25 24.04
N SER B 219 -3.12 -25.30 24.86
CA SER B 219 -4.12 -26.38 24.69
C SER B 219 -5.22 -26.30 25.74
N PRO B 220 -6.49 -26.24 25.32
CA PRO B 220 -7.07 -26.13 23.96
C PRO B 220 -6.86 -24.75 23.35
N ALA B 221 -6.56 -24.53 22.05
CA ALA B 221 -6.24 -25.44 20.89
C ALA B 221 -7.02 -26.71 20.55
N ALA B 222 -7.09 -27.66 21.47
CA ALA B 222 -8.04 -28.79 21.37
C ALA B 222 -9.47 -28.31 21.05
N ARG B 223 -9.78 -27.07 21.39
CA ARG B 223 -11.12 -26.53 21.25
C ARG B 223 -11.39 -26.13 19.80
N THR B 224 -10.52 -25.29 19.25
CA THR B 224 -10.78 -24.78 17.89
C THR B 224 -10.59 -25.82 16.79
N PHE B 225 -9.75 -26.83 17.04
CA PHE B 225 -9.61 -27.98 16.13
C PHE B 225 -10.96 -28.68 15.94
N LEU B 226 -11.72 -28.72 17.04
CA LEU B 226 -13.06 -29.30 17.09
C LEU B 226 -14.03 -28.61 16.13
N GLN B 227 -13.70 -27.39 15.71
CA GLN B 227 -14.55 -26.57 14.86
C GLN B 227 -13.93 -26.41 13.45
N GLN B 228 -12.98 -27.29 13.12
CA GLN B 228 -12.23 -27.23 11.86
C GLN B 228 -11.15 -26.14 11.85
N PHE B 229 -10.66 -25.78 13.04
CA PHE B 229 -9.43 -25.00 13.21
C PHE B 229 -9.60 -23.54 12.78
N ASN C 14 -2.81 14.99 -34.45
CA ASN C 14 -1.80 15.89 -33.79
C ASN C 14 -0.40 15.75 -34.42
N ALA C 15 0.40 16.78 -34.25
CA ALA C 15 1.82 16.76 -34.62
C ALA C 15 2.63 17.42 -33.49
N ALA C 16 3.72 16.79 -33.10
CA ALA C 16 4.51 17.28 -31.97
C ALA C 16 5.44 18.42 -32.38
N THR C 17 5.38 19.51 -31.62
CA THR C 17 6.21 20.70 -31.85
C THR C 17 7.63 20.57 -31.30
N PHE C 18 7.82 19.58 -30.42
CA PHE C 18 9.04 19.46 -29.64
C PHE C 18 10.17 18.78 -30.40
N ASN C 19 11.27 19.51 -30.55
CA ASN C 19 12.49 19.02 -31.19
C ASN C 19 13.55 18.89 -30.12
N PRO C 20 13.91 17.65 -29.75
CA PRO C 20 14.88 17.43 -28.66
C PRO C 20 16.23 18.14 -28.88
N GLU C 21 16.58 18.35 -30.15
CA GLU C 21 17.84 19.02 -30.53
C GLU C 21 17.81 20.50 -30.14
N VAL C 22 16.65 21.12 -30.26
CA VAL C 22 16.47 22.52 -29.91
C VAL C 22 16.35 22.66 -28.38
N GLY C 23 15.67 21.71 -27.74
CA GLY C 23 15.63 21.64 -26.28
C GLY C 23 17.03 21.42 -25.70
N TYR C 24 17.78 20.50 -26.29
CA TYR C 24 19.11 20.18 -25.81
C TYR C 24 20.05 21.38 -25.81
N VAL C 25 20.10 22.12 -26.92
CA VAL C 25 20.99 23.28 -26.99
C VAL C 25 20.60 24.36 -25.95
N ALA C 26 19.30 24.54 -25.76
CA ALA C 26 18.78 25.52 -24.81
C ALA C 26 19.10 25.11 -23.37
N PHE C 27 19.00 23.81 -23.07
CA PHE C 27 19.40 23.25 -21.79
C PHE C 27 20.87 23.55 -21.46
N ILE C 28 21.74 23.40 -22.45
CA ILE C 28 23.17 23.69 -22.28
C ILE C 28 23.40 25.19 -22.15
N GLY C 29 22.63 25.97 -22.89
CA GLY C 29 22.69 27.42 -22.81
C GLY C 29 22.44 27.96 -21.40
N LYS C 30 21.59 27.25 -20.65
CA LYS C 30 21.17 27.69 -19.33
C LYS C 30 22.05 27.09 -18.23
N TYR C 31 22.35 25.79 -18.34
CA TYR C 31 22.99 25.05 -17.26
C TYR C 31 24.43 24.63 -17.53
N GLY C 32 24.83 24.64 -18.81
CA GLY C 32 26.09 24.05 -19.25
C GLY C 32 27.32 24.53 -18.53
N GLN C 33 27.36 25.82 -18.21
CA GLN C 33 28.51 26.39 -17.49
C GLN C 33 28.68 25.80 -16.08
N GLN C 34 27.64 25.16 -15.53
CA GLN C 34 27.71 24.52 -14.20
C GLN C 34 27.86 22.99 -14.23
N LEU C 35 27.84 22.38 -15.41
CA LEU C 35 27.79 20.93 -15.50
C LEU C 35 29.16 20.28 -15.37
N ASN C 36 29.18 19.08 -14.82
CA ASN C 36 30.37 18.23 -14.75
C ASN C 36 29.94 16.81 -14.40
N PHE C 37 30.89 15.88 -14.41
CA PHE C 37 30.57 14.45 -14.27
C PHE C 37 30.13 14.03 -12.87
N GLY C 38 30.38 14.87 -11.87
CA GLY C 38 29.89 14.63 -10.52
C GLY C 38 28.42 14.99 -10.43
N VAL C 39 28.03 16.07 -11.10
CA VAL C 39 26.64 16.52 -11.12
C VAL C 39 25.78 15.48 -11.82
N ALA C 40 26.31 14.94 -12.91
CA ALA C 40 25.64 13.88 -13.65
C ALA C 40 25.62 12.61 -12.82
N ARG C 41 26.75 12.27 -12.21
CA ARG C 41 26.80 11.10 -11.32
C ARG C 41 25.65 11.11 -10.34
N VAL C 42 25.42 12.29 -9.74
CA VAL C 42 24.42 12.43 -8.69
C VAL C 42 23.01 12.31 -9.28
N PHE C 43 22.76 12.99 -10.40
CA PHE C 43 21.45 12.90 -11.03
C PHE C 43 21.03 11.45 -11.25
N PHE C 44 21.93 10.63 -11.78
CA PHE C 44 21.53 9.30 -12.25
C PHE C 44 21.39 8.30 -11.09
N LEU C 45 22.09 8.58 -9.99
CA LEU C 45 21.91 7.82 -8.75
C LEU C 45 20.58 8.11 -8.08
N ASN C 46 20.10 9.35 -8.20
CA ASN C 46 18.92 9.79 -7.48
C ASN C 46 17.69 10.04 -8.33
N GLN C 47 17.78 9.66 -9.61
CA GLN C 47 16.70 9.92 -10.55
C GLN C 47 15.39 9.32 -10.08
N LYS C 48 15.44 8.09 -9.56
CA LYS C 48 14.26 7.43 -9.03
C LYS C 48 13.68 8.17 -7.83
N LYS C 49 14.56 8.50 -6.89
CA LYS C 49 14.20 9.23 -5.69
C LYS C 49 13.47 10.52 -6.05
N ALA C 50 14.07 11.30 -6.95
CA ALA C 50 13.52 12.62 -7.30
C ALA C 50 12.15 12.54 -7.96
N LYS C 51 11.93 11.48 -8.72
CA LYS C 51 10.64 11.19 -9.35
C LYS C 51 9.55 10.97 -8.28
N MET C 52 9.90 10.23 -7.24
CA MET C 52 8.99 9.94 -6.14
C MET C 52 8.70 11.22 -5.33
N VAL C 53 9.72 12.06 -5.17
CA VAL C 53 9.55 13.36 -4.55
C VAL C 53 8.56 14.23 -5.33
N LEU C 54 8.76 14.32 -6.65
CA LEU C 54 7.89 15.13 -7.51
C LEU C 54 6.46 14.61 -7.51
N HIS C 55 6.32 13.29 -7.47
CA HIS C 55 5.01 12.66 -7.48
C HIS C 55 4.16 13.06 -6.27
N LYS C 56 4.82 13.43 -5.17
CA LYS C 56 4.12 13.81 -3.95
C LYS C 56 3.94 15.32 -3.79
N THR C 57 4.64 16.15 -4.57
CA THR C 57 4.60 17.60 -4.34
C THR C 57 3.67 18.35 -5.29
N ALA C 58 2.78 19.14 -4.71
CA ALA C 58 1.76 19.86 -5.48
C ALA C 58 2.23 21.23 -6.00
N GLN C 59 3.49 21.37 -6.38
CA GLN C 59 3.93 22.54 -7.16
C GLN C 59 4.06 22.10 -8.60
N PRO C 60 3.54 22.90 -9.55
CA PRO C 60 3.67 22.56 -10.97
C PRO C 60 5.11 22.69 -11.48
N SER C 61 5.95 23.41 -10.76
CA SER C 61 7.37 23.54 -11.07
C SER C 61 8.18 23.49 -9.78
N VAL C 62 9.26 22.70 -9.76
CA VAL C 62 10.10 22.65 -8.57
C VAL C 62 11.57 22.83 -8.91
N ASP C 63 12.29 23.47 -7.99
CA ASP C 63 13.74 23.57 -8.08
C ASP C 63 14.35 22.35 -7.40
N LEU C 64 15.10 21.58 -8.16
CA LEU C 64 15.80 20.39 -7.66
C LEU C 64 17.30 20.65 -7.71
N THR C 65 18.01 20.30 -6.64
CA THR C 65 19.46 20.48 -6.64
C THR C 65 20.16 19.12 -6.71
N PHE C 66 20.97 18.90 -7.75
CA PHE C 66 21.81 17.70 -7.85
C PHE C 66 23.27 18.13 -7.88
N GLY C 67 24.11 17.51 -7.04
CA GLY C 67 25.53 17.84 -6.98
C GLY C 67 25.85 19.34 -6.80
N GLY C 68 24.97 20.05 -6.09
CA GLY C 68 25.15 21.48 -5.82
C GLY C 68 24.57 22.41 -6.90
N VAL C 69 24.08 21.81 -7.97
CA VAL C 69 23.55 22.56 -9.12
C VAL C 69 22.02 22.51 -9.14
N LYS C 70 21.40 23.69 -9.14
CA LYS C 70 19.95 23.82 -9.08
C LYS C 70 19.30 23.86 -10.48
N PHE C 71 18.33 22.96 -10.71
CA PHE C 71 17.57 22.92 -11.96
C PHE C 71 16.09 23.19 -11.66
N THR C 72 15.46 24.05 -12.46
CA THR C 72 14.02 24.30 -12.36
C THR C 72 13.31 23.30 -13.26
N VAL C 73 12.55 22.41 -12.65
CA VAL C 73 12.01 21.25 -13.33
C VAL C 73 10.49 21.31 -13.31
N VAL C 74 9.87 21.18 -14.47
CA VAL C 74 8.42 21.10 -14.57
C VAL C 74 7.97 19.77 -13.94
N ASN C 75 6.96 19.83 -13.08
CA ASN C 75 6.44 18.65 -12.41
C ASN C 75 5.11 18.18 -12.99
N ASN C 76 5.18 17.22 -13.91
CA ASN C 76 4.01 16.51 -14.41
C ASN C 76 3.90 15.12 -13.77
N HIS C 77 4.63 14.87 -12.69
CA HIS C 77 4.55 13.60 -11.95
C HIS C 77 3.43 13.57 -10.92
N PHE C 78 3.18 14.71 -10.27
CA PHE C 78 2.00 14.86 -9.42
C PHE C 78 0.75 14.56 -10.28
N PRO C 79 -0.08 13.58 -9.86
CA PRO C 79 -1.15 13.04 -10.73
C PRO C 79 -2.02 14.07 -11.43
N GLN C 80 -2.39 15.13 -10.70
CA GLN C 80 -3.20 16.21 -11.28
C GLN C 80 -2.54 16.88 -12.49
N TYR C 81 -1.21 16.93 -12.52
CA TYR C 81 -0.48 17.67 -13.54
C TYR C 81 -0.03 16.81 -14.72
N VAL C 82 -0.50 15.57 -14.75
CA VAL C 82 -0.13 14.60 -15.79
C VAL C 82 -0.26 15.14 -17.21
N SER C 83 -1.30 15.93 -17.46
CA SER C 83 -1.51 16.50 -18.79
C SER C 83 -1.56 18.02 -18.76
N ASN C 84 -0.63 18.63 -18.03
CA ASN C 84 -0.32 20.04 -18.21
C ASN C 84 0.68 20.16 -19.36
N PRO C 85 0.49 21.16 -20.23
CA PRO C 85 1.40 21.32 -21.38
C PRO C 85 2.79 21.77 -20.95
N VAL C 86 3.82 21.13 -21.51
CA VAL C 86 5.21 21.43 -21.19
C VAL C 86 5.80 22.31 -22.30
N PRO C 87 6.29 23.52 -21.94
CA PRO C 87 6.96 24.32 -22.96
C PRO C 87 8.10 23.57 -23.67
N ASP C 88 8.40 23.92 -24.91
CA ASP C 88 9.41 23.17 -25.67
C ASP C 88 10.85 23.38 -25.20
N ASN C 89 11.12 24.51 -24.56
CA ASN C 89 12.41 24.75 -23.93
C ASN C 89 12.41 24.36 -22.44
N ALA C 90 11.33 23.75 -21.98
CA ALA C 90 11.21 23.34 -20.58
C ALA C 90 11.88 22.01 -20.33
N ILE C 91 12.07 21.75 -19.05
CA ILE C 91 12.88 20.65 -18.57
C ILE C 91 12.02 19.88 -17.60
N THR C 92 11.72 18.64 -17.95
CA THR C 92 11.17 17.67 -17.04
C THR C 92 12.33 16.78 -16.62
N LEU C 93 12.08 15.88 -15.68
CA LEU C 93 13.11 14.98 -15.19
C LEU C 93 13.55 14.06 -16.32
N HIS C 94 12.58 13.55 -17.04
CA HIS C 94 12.83 12.70 -18.19
C HIS C 94 13.71 13.39 -19.24
N ARG C 95 13.39 14.63 -19.56
CA ARG C 95 14.10 15.36 -20.61
C ARG C 95 15.54 15.63 -20.20
N MET C 96 15.67 16.05 -18.95
CA MET C 96 16.96 16.35 -18.35
C MET C 96 17.86 15.11 -18.29
N SER C 97 17.29 13.96 -17.99
CA SER C 97 18.02 12.70 -18.09
C SER C 97 18.54 12.47 -19.52
N GLY C 98 17.71 12.74 -20.51
CA GLY C 98 18.10 12.58 -21.93
C GLY C 98 19.23 13.53 -22.29
N TYR C 99 19.04 14.81 -21.98
CA TYR C 99 20.03 15.84 -22.22
C TYR C 99 21.39 15.59 -21.54
N LEU C 100 21.37 15.23 -20.25
CA LEU C 100 22.62 14.91 -19.53
C LEU C 100 23.32 13.71 -20.19
N ALA C 101 22.55 12.69 -20.54
CA ALA C 101 23.12 11.52 -21.19
C ALA C 101 23.78 11.94 -22.52
N ARG C 102 23.05 12.73 -23.32
CA ARG C 102 23.55 13.25 -24.61
C ARG C 102 24.85 14.03 -24.44
N TRP C 103 24.89 14.83 -23.39
CA TRP C 103 26.04 15.67 -23.07
C TRP C 103 27.26 14.83 -22.70
N ILE C 104 27.06 13.81 -21.86
CA ILE C 104 28.15 12.90 -21.50
C ILE C 104 28.71 12.30 -22.78
N ALA C 105 27.83 11.73 -23.60
CA ALA C 105 28.23 11.09 -24.86
C ALA C 105 29.05 12.03 -25.75
N ASP C 106 28.54 13.23 -25.99
CA ASP C 106 29.26 14.22 -26.80
C ASP C 106 30.62 14.60 -26.21
N THR C 107 30.73 14.65 -24.88
CA THR C 107 32.00 14.91 -24.21
C THR C 107 32.97 13.74 -24.42
N CYS C 108 32.45 12.51 -24.45
CA CYS C 108 33.27 11.31 -24.61
C CYS C 108 33.79 11.15 -26.04
N LYS C 109 32.99 11.54 -27.02
CA LYS C 109 33.45 11.58 -28.42
C LYS C 109 34.69 12.45 -28.60
N ALA C 110 34.69 13.60 -27.92
CA ALA C 110 35.76 14.59 -28.08
C ALA C 110 37.13 14.02 -27.77
N SER C 111 37.23 13.23 -26.70
CA SER C 111 38.49 12.58 -26.33
C SER C 111 38.25 11.30 -25.54
N VAL C 112 39.12 10.31 -25.74
CA VAL C 112 39.09 9.06 -24.96
C VAL C 112 39.50 9.30 -23.50
N LEU C 113 40.13 10.44 -23.27
CA LEU C 113 40.20 11.04 -21.95
C LEU C 113 38.96 11.90 -21.86
N LYS C 114 38.49 12.20 -20.65
CA LYS C 114 37.09 12.63 -20.45
C LYS C 114 36.22 11.37 -20.43
N LEU C 115 36.35 10.52 -21.45
CA LEU C 115 35.72 9.21 -21.43
C LEU C 115 36.24 8.36 -20.27
N ALA C 116 37.55 8.40 -20.03
CA ALA C 116 38.14 7.72 -18.86
C ALA C 116 37.49 8.25 -17.59
N GLU C 117 37.37 9.58 -17.52
CA GLU C 117 36.79 10.28 -16.39
C GLU C 117 35.33 9.89 -16.18
N ALA C 118 34.56 9.94 -17.26
CA ALA C 118 33.15 9.54 -17.22
C ALA C 118 33.02 8.13 -16.66
N SER C 119 33.84 7.22 -17.19
CA SER C 119 33.77 5.80 -16.83
C SER C 119 33.95 5.52 -15.33
N ALA C 120 34.73 6.36 -14.64
CA ALA C 120 35.00 6.16 -13.23
C ALA C 120 33.92 6.75 -12.32
N GLN C 121 33.25 7.82 -12.78
CA GLN C 121 32.33 8.58 -11.94
C GLN C 121 30.86 8.30 -12.20
N ILE C 122 30.45 8.15 -13.46
CA ILE C 122 29.02 7.97 -13.75
C ILE C 122 28.58 6.50 -13.65
N VAL C 123 27.44 6.30 -12.97
CA VAL C 123 26.83 4.99 -12.87
C VAL C 123 25.41 5.03 -13.42
N MET C 124 25.10 4.06 -14.25
CA MET C 124 23.78 3.91 -14.83
C MET C 124 23.19 2.63 -14.21
N PRO C 125 22.35 2.79 -13.17
CA PRO C 125 21.85 1.59 -12.48
C PRO C 125 20.92 0.73 -13.33
N LEU C 126 20.17 1.36 -14.24
CA LEU C 126 19.35 0.60 -15.19
C LEU C 126 20.23 -0.25 -16.11
N ALA C 127 21.40 0.27 -16.48
CA ALA C 127 22.36 -0.47 -17.32
C ALA C 127 22.97 -1.63 -16.54
N GLU C 128 23.50 -1.31 -15.36
CA GLU C 128 23.82 -2.35 -14.39
C GLU C 128 22.51 -3.10 -14.19
N VAL C 129 22.52 -4.23 -13.49
CA VAL C 129 21.31 -5.05 -13.30
C VAL C 129 21.11 -5.93 -14.51
N LYS C 130 21.22 -5.33 -15.70
CA LYS C 130 21.61 -6.06 -16.88
C LYS C 130 23.13 -6.00 -16.84
N GLY C 131 23.81 -6.92 -17.52
CA GLY C 131 25.28 -6.97 -17.44
C GLY C 131 26.03 -5.86 -18.15
N CYS C 132 25.36 -4.76 -18.48
CA CYS C 132 25.99 -3.67 -19.24
C CYS C 132 26.92 -2.86 -18.35
N THR C 133 28.06 -2.46 -18.92
CA THR C 133 29.06 -1.68 -18.21
C THR C 133 29.73 -0.73 -19.18
N TRP C 134 30.58 0.16 -18.66
CA TRP C 134 31.31 1.10 -19.52
C TRP C 134 32.16 0.38 -20.56
N ALA C 135 32.67 -0.80 -20.16
CA ALA C 135 33.47 -1.64 -21.05
C ALA C 135 32.74 -2.08 -22.32
N ASP C 136 31.41 -2.12 -22.28
CA ASP C 136 30.61 -2.44 -23.47
C ASP C 136 30.38 -1.24 -24.39
N GLY C 137 31.05 -0.12 -24.10
CA GLY C 137 31.01 1.05 -24.98
C GLY C 137 29.97 2.05 -24.54
N TYR C 138 30.40 3.32 -24.48
CA TYR C 138 29.62 4.41 -23.89
C TYR C 138 28.24 4.62 -24.51
N THR C 139 28.08 4.28 -25.79
CA THR C 139 26.79 4.44 -26.46
C THR C 139 25.75 3.44 -25.93
N MET C 140 26.20 2.22 -25.64
CA MET C 140 25.30 1.19 -25.13
C MET C 140 24.98 1.38 -23.66
N TYR C 141 25.99 1.77 -22.90
CA TYR C 141 25.83 2.02 -21.47
C TYR C 141 24.89 3.20 -21.22
N LEU C 142 25.10 4.31 -21.92
CA LEU C 142 24.31 5.53 -21.70
C LEU C 142 22.93 5.46 -22.35
N GLY C 143 22.79 4.64 -23.39
CA GLY C 143 21.50 4.34 -24.00
C GLY C 143 20.43 3.79 -23.05
N PHE C 144 20.85 3.28 -21.89
CA PHE C 144 19.92 2.83 -20.86
C PHE C 144 19.30 3.97 -20.06
N ALA C 145 19.84 5.18 -20.18
CA ALA C 145 19.32 6.34 -19.45
C ALA C 145 17.94 6.74 -19.99
N PRO C 146 16.97 7.00 -19.09
CA PRO C 146 15.69 7.53 -19.53
C PRO C 146 15.89 8.79 -20.37
N GLY C 147 15.22 8.90 -21.50
CA GLY C 147 15.36 10.08 -22.37
C GLY C 147 16.36 9.95 -23.49
N ALA C 148 17.25 8.98 -23.40
CA ALA C 148 18.22 8.73 -24.48
C ALA C 148 17.50 8.43 -25.81
N GLU C 149 16.31 7.83 -25.74
CA GLU C 149 15.52 7.55 -26.96
C GLU C 149 15.24 8.80 -27.81
N MET C 150 15.36 9.97 -27.19
CA MET C 150 15.28 11.25 -27.90
C MET C 150 16.41 11.49 -28.89
N PHE C 151 17.49 10.71 -28.79
CA PHE C 151 18.69 10.88 -29.61
C PHE C 151 19.20 9.52 -30.11
N LEU C 152 18.35 8.79 -30.83
CA LEU C 152 18.73 7.49 -31.40
C LEU C 152 20.03 7.59 -32.23
N ASP C 153 20.24 8.73 -32.88
CA ASP C 153 21.44 8.99 -33.66
C ASP C 153 22.69 8.95 -32.78
N ALA C 154 22.67 9.70 -31.69
CA ALA C 154 23.79 9.74 -30.75
C ALA C 154 24.09 8.40 -30.10
N PHE C 155 23.07 7.56 -29.93
CA PHE C 155 23.23 6.34 -29.11
C PHE C 155 23.19 5.05 -29.91
N ASP C 156 23.37 5.16 -31.22
CA ASP C 156 23.45 4.01 -32.13
C ASP C 156 22.25 3.07 -32.00
N PHE C 157 21.07 3.66 -31.85
CA PHE C 157 19.80 2.91 -31.70
C PHE C 157 19.64 2.08 -30.41
N TYR C 158 20.63 2.08 -29.53
CA TYR C 158 20.55 1.23 -28.32
C TYR C 158 19.25 1.39 -27.51
N PRO C 159 18.84 2.63 -27.20
CA PRO C 159 17.62 2.83 -26.39
C PRO C 159 16.38 2.14 -26.97
N LEU C 160 16.28 2.13 -28.29
CA LEU C 160 15.22 1.40 -28.99
C LEU C 160 15.33 -0.10 -28.74
N VAL C 161 16.53 -0.63 -28.91
CA VAL C 161 16.75 -2.06 -28.91
C VAL C 161 16.68 -2.66 -27.50
N ILE C 162 17.34 -2.02 -26.52
CA ILE C 162 16.97 -2.28 -25.14
C ILE C 162 15.57 -1.71 -25.06
N GLU C 163 14.65 -2.46 -24.49
CA GLU C 163 13.24 -2.09 -24.52
C GLU C 163 12.47 -3.11 -25.32
N MET C 164 12.95 -3.41 -26.54
CA MET C 164 12.52 -4.59 -27.28
C MET C 164 12.88 -5.81 -26.44
N HIS C 165 14.10 -5.79 -25.92
CA HIS C 165 14.61 -6.83 -25.04
C HIS C 165 13.90 -6.81 -23.70
N ARG C 166 13.45 -5.63 -23.27
CA ARG C 166 12.66 -5.51 -22.05
C ARG C 166 11.20 -5.91 -22.27
N VAL C 167 10.69 -5.76 -23.49
CA VAL C 167 9.34 -6.25 -23.78
C VAL C 167 9.27 -7.77 -23.65
N LEU C 168 10.29 -8.49 -24.13
CA LEU C 168 10.26 -9.95 -24.09
C LEU C 168 11.08 -10.59 -22.95
N LYS C 169 12.27 -10.07 -22.65
CA LYS C 169 12.92 -10.41 -21.39
C LYS C 169 12.47 -9.36 -20.38
N ASP C 170 11.90 -9.81 -19.26
CA ASP C 170 11.03 -8.96 -18.43
C ASP C 170 9.75 -8.79 -19.25
N ASN C 171 8.63 -8.60 -18.58
CA ASN C 171 7.35 -8.55 -19.31
C ASN C 171 6.82 -7.13 -19.45
N MET C 172 7.69 -6.23 -19.91
CA MET C 172 7.31 -4.82 -20.03
C MET C 172 6.08 -4.71 -20.91
N ASP C 173 5.16 -3.84 -20.50
CA ASP C 173 3.79 -3.82 -21.03
C ASP C 173 3.63 -3.70 -22.55
N VAL C 174 4.72 -3.65 -23.32
CA VAL C 174 4.67 -3.07 -24.67
C VAL C 174 4.14 -1.66 -24.35
N ASN C 175 3.68 -0.89 -25.34
CA ASN C 175 3.00 0.39 -25.08
C ASN C 175 3.83 1.51 -24.40
N PHE C 176 4.72 1.16 -23.48
CA PHE C 176 5.81 2.06 -23.09
C PHE C 176 6.71 2.33 -24.31
N MET C 177 6.66 1.41 -25.27
CA MET C 177 7.44 1.50 -26.50
C MET C 177 6.92 2.58 -27.45
N LYS C 178 5.83 3.24 -27.06
CA LYS C 178 5.20 4.24 -27.89
C LYS C 178 6.14 5.40 -28.25
N LYS C 179 6.82 5.97 -27.27
CA LYS C 179 7.65 7.15 -27.51
C LYS C 179 8.78 6.89 -28.50
N VAL C 180 9.53 5.81 -28.29
CA VAL C 180 10.69 5.51 -29.11
C VAL C 180 10.34 5.18 -30.58
N LEU C 181 9.18 4.58 -30.81
CA LEU C 181 8.75 4.23 -32.18
C LEU C 181 8.28 5.44 -32.98
N ARG C 182 8.22 6.61 -32.37
CA ARG C 182 7.91 7.83 -33.10
C ARG C 182 9.03 8.88 -33.03
N GLN C 183 10.16 8.51 -32.41
CA GLN C 183 11.34 9.38 -32.42
C GLN C 183 12.01 9.38 -33.79
N ARG C 184 12.78 10.44 -34.02
CA ARG C 184 13.54 10.62 -35.25
C ARG C 184 14.89 9.95 -35.15
N TYR C 185 15.56 9.84 -36.29
CA TYR C 185 16.95 9.41 -36.35
C TYR C 185 17.69 10.42 -37.22
N GLY C 186 18.25 11.43 -36.56
CA GLY C 186 18.74 12.62 -37.22
C GLY C 186 17.57 13.39 -37.79
N THR C 187 17.52 13.50 -39.12
CA THR C 187 16.39 14.13 -39.81
C THR C 187 15.44 13.07 -40.42
N MET C 188 15.88 11.82 -40.42
CA MET C 188 15.09 10.68 -40.89
C MET C 188 13.97 10.38 -39.90
N THR C 189 12.72 10.37 -40.37
CA THR C 189 11.56 10.06 -39.49
C THR C 189 11.44 8.57 -39.25
N ALA C 190 10.64 8.19 -38.26
CA ALA C 190 10.45 6.78 -37.89
C ALA C 190 10.07 5.93 -39.09
N GLU C 191 8.92 6.22 -39.70
CA GLU C 191 8.53 5.56 -40.96
C GLU C 191 9.76 5.22 -41.80
N GLU C 192 10.64 6.19 -41.95
CA GLU C 192 11.81 6.06 -42.81
C GLU C 192 12.93 5.21 -42.21
N TRP C 193 13.33 5.45 -40.97
CA TRP C 193 14.43 4.67 -40.40
C TRP C 193 14.05 3.23 -40.08
N MET C 194 12.77 2.99 -39.79
CA MET C 194 12.34 1.62 -39.49
C MET C 194 12.09 0.88 -40.81
N THR C 195 13.04 1.05 -41.71
CA THR C 195 12.98 0.63 -43.11
C THR C 195 14.39 0.79 -43.66
N GLN C 196 14.85 2.04 -43.69
CA GLN C 196 16.10 2.40 -44.33
C GLN C 196 17.30 2.05 -43.43
N LYS C 197 17.08 2.04 -42.11
CA LYS C 197 18.11 1.65 -41.14
C LYS C 197 17.75 0.33 -40.43
N ILE C 198 16.81 -0.42 -41.00
CA ILE C 198 16.40 -1.76 -40.52
C ILE C 198 17.58 -2.68 -40.17
N THR C 199 18.73 -2.47 -40.82
CA THR C 199 19.89 -3.35 -40.68
C THR C 199 20.66 -3.05 -39.40
N GLU C 200 21.10 -1.79 -39.28
CA GLU C 200 21.89 -1.33 -38.12
C GLU C 200 21.13 -1.48 -36.80
N ILE C 201 19.81 -1.41 -36.86
CA ILE C 201 18.96 -1.64 -35.72
C ILE C 201 19.01 -3.10 -35.30
N LYS C 202 18.75 -4.00 -36.24
CA LYS C 202 18.85 -5.42 -35.97
C LYS C 202 20.24 -5.77 -35.42
N ALA C 203 21.27 -5.16 -35.98
CA ALA C 203 22.64 -5.34 -35.47
C ALA C 203 22.76 -4.94 -33.99
N ALA C 204 22.22 -3.78 -33.64
CA ALA C 204 22.20 -3.34 -32.24
C ALA C 204 21.45 -4.33 -31.35
N PHE C 205 20.37 -4.91 -31.88
CA PHE C 205 19.57 -5.93 -31.19
C PHE C 205 20.41 -7.10 -30.69
N ASN C 206 21.09 -7.78 -31.62
CA ASN C 206 21.96 -8.89 -31.25
C ASN C 206 23.37 -8.38 -31.03
N SER C 207 23.63 -8.05 -29.77
CA SER C 207 24.76 -7.22 -29.32
C SER C 207 24.43 -6.85 -27.88
N VAL C 208 23.23 -6.32 -27.67
CA VAL C 208 22.62 -6.27 -26.33
C VAL C 208 22.14 -7.68 -25.95
N GLY C 209 21.76 -8.47 -26.96
CA GLY C 209 21.48 -9.88 -26.78
C GLY C 209 22.60 -10.67 -26.12
N GLN C 210 23.82 -10.10 -26.14
CA GLN C 210 25.01 -10.77 -25.61
C GLN C 210 25.27 -10.47 -24.14
N LEU C 211 24.53 -9.52 -23.56
CA LEU C 211 24.69 -9.19 -22.13
C LEU C 211 24.20 -10.35 -21.27
N ALA C 212 24.47 -10.29 -19.97
CA ALA C 212 23.67 -11.06 -19.04
C ALA C 212 22.24 -10.65 -19.37
N TRP C 213 21.51 -11.58 -19.99
CA TRP C 213 20.23 -11.29 -20.63
C TRP C 213 19.34 -10.48 -19.68
N ALA C 214 19.53 -10.73 -18.38
CA ALA C 214 19.04 -9.84 -17.33
C ALA C 214 19.83 -10.11 -16.05
N LYS C 215 19.48 -11.19 -15.37
CA LYS C 215 19.93 -11.46 -14.01
C LYS C 215 21.31 -12.10 -13.98
N GLY C 217 21.49 -14.24 -10.67
CA GLY C 217 21.35 -14.53 -9.25
C GLY C 217 22.40 -13.78 -8.44
N PHE C 218 22.12 -12.51 -8.14
CA PHE C 218 23.17 -11.59 -7.71
C PHE C 218 23.63 -11.77 -6.27
N SER C 219 24.63 -12.64 -6.10
CA SER C 219 25.42 -12.80 -4.88
C SER C 219 26.12 -14.17 -4.94
N PRO C 220 25.34 -15.27 -5.09
CA PRO C 220 25.94 -16.55 -5.37
C PRO C 220 26.12 -16.71 -6.92
N ALA C 221 25.98 -17.89 -7.55
CA ALA C 221 25.63 -19.18 -6.94
C ALA C 221 26.79 -19.85 -6.20
N ALA C 222 27.64 -19.04 -5.58
CA ALA C 222 28.68 -19.50 -4.66
C ALA C 222 28.04 -20.04 -3.38
N ARG C 223 27.42 -21.21 -3.49
CA ARG C 223 26.79 -21.90 -2.37
C ARG C 223 25.54 -21.19 -1.79
N THR C 224 24.77 -21.96 -1.02
CA THR C 224 23.39 -21.65 -0.62
C THR C 224 22.64 -22.98 -0.67
N PHE C 225 23.08 -23.81 -1.60
CA PHE C 225 22.19 -24.69 -2.34
C PHE C 225 22.06 -26.07 -1.70
N LEU C 226 22.23 -26.08 -0.38
CA LEU C 226 21.61 -27.05 0.50
C LEU C 226 20.10 -27.10 0.22
N GLN C 227 19.52 -25.95 -0.15
CA GLN C 227 18.11 -25.88 -0.57
C GLN C 227 17.90 -24.99 -1.81
N GLN C 228 17.53 -23.73 -1.64
CA GLN C 228 17.25 -22.83 -2.78
C GLN C 228 18.53 -22.29 -3.40
N PHE D 5 -13.33 14.22 14.46
CA PHE D 5 -12.84 14.85 15.73
C PHE D 5 -13.96 15.02 16.76
N ILE D 6 -15.06 15.65 16.36
CA ILE D 6 -16.26 15.81 17.20
C ILE D 6 -17.27 14.77 16.71
N PHE D 7 -18.05 14.21 17.63
CA PHE D 7 -19.10 13.27 17.26
C PHE D 7 -20.43 13.53 17.96
N GLU D 8 -21.55 13.45 17.24
CA GLU D 8 -21.63 13.70 15.80
C GLU D 8 -23.11 13.81 15.43
N ASP D 9 -23.78 12.65 15.41
CA ASP D 9 -25.17 12.48 14.99
C ASP D 9 -25.25 11.47 13.85
N VAL D 10 -26.48 11.07 13.56
CA VAL D 10 -26.78 10.00 12.61
C VAL D 10 -26.66 10.61 11.21
N PRO D 11 -26.90 9.81 10.15
CA PRO D 11 -27.14 10.44 8.85
C PRO D 11 -28.48 10.09 8.18
N GLN D 12 -28.92 8.86 8.30
CA GLN D 12 -29.89 8.28 7.37
C GLN D 12 -31.17 7.85 8.13
N ARG D 13 -31.83 6.72 7.85
CA ARG D 13 -31.33 5.55 7.10
C ARG D 13 -31.99 5.29 5.74
N ASN D 14 -31.20 4.64 4.86
CA ASN D 14 -31.67 3.85 3.70
C ASN D 14 -31.92 4.61 2.39
N ALA D 15 -31.94 3.86 1.29
CA ALA D 15 -31.93 4.41 -0.07
C ALA D 15 -33.18 3.97 -0.89
N ALA D 16 -32.97 3.21 -1.96
CA ALA D 16 -34.03 2.73 -2.87
C ALA D 16 -33.37 2.46 -4.22
N THR D 17 -33.07 3.57 -4.91
CA THR D 17 -32.34 3.63 -6.19
C THR D 17 -32.28 5.10 -6.66
N PHE D 18 -32.43 6.01 -5.69
CA PHE D 18 -32.72 7.47 -5.84
C PHE D 18 -33.48 7.96 -7.10
N ASN D 19 -34.05 7.04 -7.87
CA ASN D 19 -34.49 7.30 -9.25
C ASN D 19 -33.69 8.33 -10.05
N PRO D 20 -32.75 7.82 -10.88
CA PRO D 20 -31.94 8.65 -11.77
C PRO D 20 -32.75 9.41 -12.80
N GLU D 21 -33.88 8.84 -13.18
CA GLU D 21 -34.79 9.45 -14.15
C GLU D 21 -35.27 10.80 -13.62
N VAL D 22 -35.65 10.82 -12.34
CA VAL D 22 -36.09 12.02 -11.65
C VAL D 22 -34.93 12.99 -11.46
N GLY D 23 -33.77 12.48 -11.06
CA GLY D 23 -32.58 13.31 -10.92
C GLY D 23 -32.16 13.93 -12.24
N TYR D 24 -32.16 13.12 -13.30
CA TYR D 24 -31.79 13.57 -14.63
C TYR D 24 -32.65 14.76 -15.05
N VAL D 25 -33.95 14.62 -14.85
CA VAL D 25 -34.90 15.64 -15.30
C VAL D 25 -34.78 16.93 -14.47
N ALA D 26 -34.53 16.79 -13.17
CA ALA D 26 -34.25 17.95 -12.33
C ALA D 26 -32.99 18.65 -12.83
N PHE D 27 -31.94 17.87 -13.11
CA PHE D 27 -30.70 18.41 -13.68
C PHE D 27 -30.94 19.08 -15.03
N ILE D 28 -31.77 18.46 -15.86
CA ILE D 28 -32.12 19.02 -17.18
C ILE D 28 -32.98 20.28 -17.03
N GLY D 29 -33.69 20.41 -15.91
CA GLY D 29 -34.40 21.64 -15.60
C GLY D 29 -33.50 22.82 -15.26
N LYS D 30 -32.46 22.57 -14.46
CA LYS D 30 -31.62 23.64 -13.91
C LYS D 30 -30.65 24.17 -14.96
N TYR D 31 -29.93 23.24 -15.59
CA TYR D 31 -28.86 23.58 -16.53
C TYR D 31 -29.24 23.29 -17.98
N GLY D 32 -30.22 22.41 -18.20
CA GLY D 32 -30.67 22.06 -19.54
C GLY D 32 -31.29 23.24 -20.26
N GLN D 33 -30.41 24.05 -20.84
CA GLN D 33 -30.71 25.32 -21.50
C GLN D 33 -29.39 26.03 -21.80
N GLN D 34 -28.43 25.86 -20.89
CA GLN D 34 -27.06 26.34 -21.05
C GLN D 34 -26.17 25.26 -21.68
N LEU D 35 -26.68 24.02 -21.75
CA LEU D 35 -25.92 22.87 -22.25
C LEU D 35 -25.74 22.89 -23.76
N ASN D 36 -24.52 22.61 -24.20
CA ASN D 36 -24.20 22.40 -25.61
C ASN D 36 -23.03 21.43 -25.73
N PHE D 37 -22.74 20.98 -26.95
CA PHE D 37 -21.71 19.95 -27.15
C PHE D 37 -20.28 20.41 -26.81
N GLY D 38 -20.03 21.70 -26.86
CA GLY D 38 -18.74 22.25 -26.46
C GLY D 38 -18.53 22.13 -24.95
N VAL D 39 -19.59 22.39 -24.19
CA VAL D 39 -19.53 22.24 -22.73
C VAL D 39 -19.37 20.77 -22.35
N ALA D 40 -20.14 19.91 -23.01
CA ALA D 40 -20.05 18.46 -22.80
C ALA D 40 -18.69 17.91 -23.24
N ARG D 41 -18.20 18.37 -24.38
CA ARG D 41 -16.87 18.00 -24.85
C ARG D 41 -15.82 18.23 -23.77
N VAL D 42 -15.87 19.43 -23.18
CA VAL D 42 -14.88 19.85 -22.18
C VAL D 42 -15.02 19.04 -20.89
N PHE D 43 -16.24 18.71 -20.49
CA PHE D 43 -16.45 17.92 -19.27
C PHE D 43 -15.72 16.58 -19.34
N PHE D 44 -15.91 15.87 -20.45
CA PHE D 44 -15.37 14.51 -20.60
C PHE D 44 -13.87 14.48 -20.91
N LEU D 45 -13.27 15.66 -21.07
CA LEU D 45 -11.81 15.81 -21.13
C LEU D 45 -11.20 15.98 -19.74
N ASN D 46 -11.88 16.74 -18.89
CA ASN D 46 -11.36 17.10 -17.56
C ASN D 46 -12.09 16.43 -16.41
N GLN D 47 -12.78 15.32 -16.67
CA GLN D 47 -13.49 14.61 -15.63
C GLN D 47 -12.54 14.04 -14.58
N LYS D 48 -11.49 13.36 -15.04
CA LYS D 48 -10.48 12.80 -14.14
C LYS D 48 -9.85 13.92 -13.31
N LYS D 49 -9.32 14.92 -14.00
CA LYS D 49 -8.67 16.05 -13.34
C LYS D 49 -9.58 16.65 -12.26
N ALA D 50 -10.83 16.89 -12.63
CA ALA D 50 -11.80 17.50 -11.72
C ALA D 50 -11.93 16.74 -10.40
N LYS D 51 -12.01 15.42 -10.45
CA LYS D 51 -12.10 14.62 -9.22
C LYS D 51 -10.77 14.48 -8.49
N MET D 52 -9.66 14.78 -9.16
CA MET D 52 -8.36 14.86 -8.48
C MET D 52 -8.33 16.17 -7.68
N VAL D 53 -8.88 17.24 -8.27
CA VAL D 53 -9.04 18.52 -7.60
C VAL D 53 -10.06 18.39 -6.48
N LEU D 54 -11.26 17.94 -6.84
CA LEU D 54 -12.27 17.54 -5.84
C LEU D 54 -11.73 16.33 -5.11
N HIS D 55 -11.09 16.57 -3.97
CA HIS D 55 -10.31 15.56 -3.24
C HIS D 55 -9.29 16.26 -2.34
N LYS D 56 -8.87 17.46 -2.74
CA LYS D 56 -7.90 18.26 -1.99
C LYS D 56 -8.57 19.26 -1.05
N THR D 57 -9.69 19.83 -1.48
CA THR D 57 -10.33 20.95 -0.78
C THR D 57 -11.48 20.51 0.13
N ALA D 58 -11.66 21.25 1.22
CA ALA D 58 -12.65 20.94 2.24
C ALA D 58 -13.89 21.83 2.11
N GLN D 59 -14.59 21.68 0.98
CA GLN D 59 -15.92 22.28 0.82
C GLN D 59 -16.87 21.17 0.39
N PRO D 60 -17.91 20.89 1.21
CA PRO D 60 -18.87 19.85 0.83
C PRO D 60 -19.70 20.20 -0.40
N SER D 61 -19.62 21.46 -0.84
CA SER D 61 -20.30 21.93 -2.05
C SER D 61 -19.40 22.92 -2.76
N VAL D 62 -19.21 22.73 -4.07
CA VAL D 62 -18.29 23.54 -4.86
C VAL D 62 -18.93 23.94 -6.18
N ASP D 63 -18.52 25.07 -6.73
CA ASP D 63 -18.96 25.51 -8.05
C ASP D 63 -17.84 25.26 -9.06
N LEU D 64 -18.09 24.39 -10.03
CA LEU D 64 -17.11 24.08 -11.07
C LEU D 64 -17.53 24.64 -12.42
N THR D 65 -16.55 24.99 -13.25
CA THR D 65 -16.81 25.60 -14.55
C THR D 65 -16.35 24.69 -15.70
N PHE D 66 -17.31 24.26 -16.53
CA PHE D 66 -17.02 23.54 -17.77
C PHE D 66 -17.61 24.29 -18.96
N GLY D 67 -16.77 24.59 -19.95
CA GLY D 67 -17.21 25.34 -21.13
C GLY D 67 -17.91 26.65 -20.79
N GLY D 68 -17.41 27.34 -19.76
CA GLY D 68 -17.99 28.61 -19.33
C GLY D 68 -19.29 28.50 -18.55
N VAL D 69 -19.67 27.28 -18.16
CA VAL D 69 -20.91 27.03 -17.42
C VAL D 69 -20.56 26.56 -16.00
N LYS D 70 -21.30 27.08 -15.02
CA LYS D 70 -20.99 26.83 -13.61
C LYS D 70 -22.00 25.85 -13.01
N PHE D 71 -21.49 24.82 -12.31
CA PHE D 71 -22.34 23.73 -11.80
C PHE D 71 -22.22 23.56 -10.29
N THR D 72 -23.36 23.41 -9.63
CA THR D 72 -23.40 23.13 -8.20
C THR D 72 -23.18 21.64 -7.99
N VAL D 73 -22.04 21.27 -7.39
CA VAL D 73 -21.69 19.87 -7.21
C VAL D 73 -21.45 19.50 -5.74
N VAL D 74 -22.09 18.43 -5.29
CA VAL D 74 -21.80 17.88 -3.95
C VAL D 74 -20.43 17.20 -4.01
N ASN D 75 -19.59 17.50 -3.02
CA ASN D 75 -18.22 16.98 -2.99
C ASN D 75 -18.07 15.87 -1.96
N ASN D 76 -18.22 14.63 -2.40
CA ASN D 76 -17.95 13.48 -1.54
C ASN D 76 -16.60 12.84 -1.84
N HIS D 77 -15.76 13.54 -2.59
CA HIS D 77 -14.43 13.04 -2.94
C HIS D 77 -13.40 13.26 -1.83
N PHE D 78 -13.46 14.41 -1.18
CA PHE D 78 -12.64 14.70 0.00
C PHE D 78 -12.90 13.60 1.04
N PRO D 79 -11.86 12.83 1.41
CA PRO D 79 -12.01 11.63 2.24
C PRO D 79 -13.05 11.72 3.37
N GLN D 80 -13.04 12.83 4.10
CA GLN D 80 -13.99 13.06 5.19
C GLN D 80 -15.45 13.02 4.73
N TYR D 81 -15.72 13.56 3.54
CA TYR D 81 -17.09 13.69 3.04
C TYR D 81 -17.63 12.44 2.35
N VAL D 82 -16.79 11.42 2.20
CA VAL D 82 -17.14 10.19 1.49
C VAL D 82 -18.55 9.66 1.82
N SER D 83 -18.92 9.69 3.10
CA SER D 83 -20.22 9.14 3.52
C SER D 83 -21.27 10.21 3.85
N ASN D 84 -21.11 11.41 3.30
CA ASN D 84 -22.12 12.47 3.48
C ASN D 84 -23.41 12.14 2.73
N PRO D 85 -24.57 12.55 3.28
CA PRO D 85 -25.83 12.30 2.60
C PRO D 85 -25.98 13.16 1.35
N VAL D 86 -26.20 12.50 0.21
CA VAL D 86 -26.42 13.22 -1.05
C VAL D 86 -27.93 13.27 -1.28
N PRO D 87 -28.46 14.45 -1.63
CA PRO D 87 -29.89 14.49 -1.93
C PRO D 87 -30.26 13.79 -3.25
N ASP D 88 -31.49 13.30 -3.33
CA ASP D 88 -32.11 13.08 -4.63
C ASP D 88 -32.10 14.46 -5.31
N ASN D 89 -31.75 14.49 -6.59
CA ASN D 89 -31.77 15.73 -7.38
C ASN D 89 -30.65 16.74 -7.07
N ALA D 90 -29.65 16.32 -6.29
CA ALA D 90 -28.38 17.01 -6.22
C ALA D 90 -27.36 16.18 -6.99
N ILE D 91 -26.36 16.84 -7.55
CA ILE D 91 -25.41 16.19 -8.46
C ILE D 91 -24.00 16.10 -7.89
N THR D 92 -23.51 14.87 -7.79
CA THR D 92 -22.08 14.62 -7.62
C THR D 92 -21.45 14.62 -9.01
N LEU D 93 -20.14 14.48 -9.07
CA LEU D 93 -19.43 14.49 -10.35
C LEU D 93 -19.81 13.27 -11.20
N HIS D 94 -19.98 12.13 -10.54
CA HIS D 94 -20.42 10.89 -11.21
C HIS D 94 -21.81 11.01 -11.81
N ARG D 95 -22.73 11.56 -11.02
CA ARG D 95 -24.12 11.74 -11.44
C ARG D 95 -24.24 12.71 -12.61
N MET D 96 -23.46 13.78 -12.55
CA MET D 96 -23.43 14.81 -13.58
C MET D 96 -22.98 14.23 -14.92
N SER D 97 -21.93 13.40 -14.88
CA SER D 97 -21.45 12.70 -16.07
C SER D 97 -22.50 11.78 -16.68
N GLY D 98 -23.18 11.02 -15.82
CA GLY D 98 -24.25 10.14 -16.25
C GLY D 98 -25.36 10.92 -16.91
N TYR D 99 -25.77 12.04 -16.30
CA TYR D 99 -26.81 12.88 -16.88
C TYR D 99 -26.39 13.50 -18.21
N LEU D 100 -25.14 13.92 -18.32
CA LEU D 100 -24.62 14.48 -19.57
C LEU D 100 -24.43 13.43 -20.66
N ALA D 101 -24.21 12.18 -20.27
CA ALA D 101 -24.13 11.06 -21.21
C ALA D 101 -25.52 10.74 -21.75
N ARG D 102 -26.49 10.68 -20.83
CA ARG D 102 -27.90 10.50 -21.18
C ARG D 102 -28.38 11.63 -22.08
N TRP D 103 -27.99 12.86 -21.73
CA TRP D 103 -28.09 13.99 -22.66
C TRP D 103 -27.02 13.75 -23.70
N ILE D 104 -27.28 14.13 -24.95
CA ILE D 104 -26.45 13.73 -26.10
C ILE D 104 -27.02 12.44 -26.67
N ALA D 105 -27.15 11.41 -25.84
CA ALA D 105 -27.77 10.16 -26.27
C ALA D 105 -29.21 10.37 -26.68
N ASP D 106 -29.93 11.21 -25.95
CA ASP D 106 -31.32 11.53 -26.31
C ASP D 106 -31.41 12.56 -27.45
N THR D 107 -30.34 13.33 -27.66
CA THR D 107 -30.24 14.28 -28.78
C THR D 107 -29.90 13.54 -30.07
N CYS D 108 -28.89 12.66 -30.00
CA CYS D 108 -28.67 11.64 -31.03
C CYS D 108 -29.84 10.68 -30.93
N LYS D 109 -30.11 9.89 -31.98
CA LYS D 109 -31.31 9.05 -32.04
C LYS D 109 -32.53 9.90 -32.42
N ALA D 110 -32.68 11.06 -31.78
CA ALA D 110 -33.72 12.01 -32.14
C ALA D 110 -33.47 12.61 -33.51
N SER D 111 -32.20 12.72 -33.91
CA SER D 111 -31.86 13.18 -35.26
C SER D 111 -30.44 12.82 -35.69
N VAL D 112 -30.26 12.71 -37.00
CA VAL D 112 -28.94 12.76 -37.63
C VAL D 112 -28.55 14.24 -37.57
N LEU D 113 -27.34 14.59 -38.00
CA LEU D 113 -26.80 15.96 -37.91
C LEU D 113 -26.36 16.27 -36.48
N LYS D 114 -27.24 16.07 -35.51
CA LYS D 114 -26.85 16.09 -34.10
C LYS D 114 -25.90 14.94 -33.79
N LEU D 115 -26.09 13.80 -34.46
CA LEU D 115 -25.17 12.67 -34.32
C LEU D 115 -23.80 13.04 -34.90
N ALA D 116 -23.82 13.75 -36.03
CA ALA D 116 -22.58 14.21 -36.67
C ALA D 116 -21.82 15.18 -35.77
N GLU D 117 -22.54 16.17 -35.23
CA GLU D 117 -21.94 17.20 -34.37
C GLU D 117 -21.38 16.61 -33.08
N ALA D 118 -22.12 15.68 -32.49
CA ALA D 118 -21.68 15.00 -31.28
C ALA D 118 -20.41 14.18 -31.52
N SER D 119 -20.32 13.55 -32.69
CA SER D 119 -19.14 12.79 -33.06
C SER D 119 -17.89 13.67 -33.19
N ALA D 120 -18.08 14.90 -33.63
CA ALA D 120 -16.97 15.82 -33.90
C ALA D 120 -16.51 16.61 -32.68
N GLN D 121 -17.37 16.76 -31.68
CA GLN D 121 -17.01 17.46 -30.43
C GLN D 121 -16.71 16.51 -29.27
N ILE D 122 -17.51 15.47 -29.09
CA ILE D 122 -17.43 14.65 -27.88
C ILE D 122 -16.31 13.60 -27.96
N VAL D 123 -15.45 13.60 -26.95
CA VAL D 123 -14.38 12.60 -26.82
C VAL D 123 -14.53 11.83 -25.51
N MET D 124 -14.62 10.51 -25.62
CA MET D 124 -14.74 9.64 -24.46
C MET D 124 -13.46 8.81 -24.35
N PRO D 125 -12.45 9.34 -23.61
CA PRO D 125 -11.17 8.62 -23.52
C PRO D 125 -11.26 7.22 -22.91
N LEU D 126 -12.27 6.96 -22.08
CA LEU D 126 -12.51 5.60 -21.55
C LEU D 126 -12.88 4.64 -22.68
N ALA D 127 -13.67 5.13 -23.64
CA ALA D 127 -14.06 4.33 -24.80
C ALA D 127 -12.89 4.18 -25.76
N GLU D 128 -12.19 5.27 -26.03
CA GLU D 128 -11.10 5.29 -27.01
C GLU D 128 -9.98 4.31 -26.64
N VAL D 129 -9.69 4.23 -25.35
CA VAL D 129 -8.66 3.33 -24.83
C VAL D 129 -8.99 1.85 -25.08
N LYS D 130 -10.25 1.54 -25.35
CA LYS D 130 -10.65 0.18 -25.73
C LYS D 130 -10.84 0.03 -27.24
N GLY D 131 -10.36 1.00 -28.01
CA GLY D 131 -10.59 1.03 -29.45
C GLY D 131 -12.05 1.13 -29.82
N CYS D 132 -12.87 1.67 -28.91
CA CYS D 132 -14.27 1.97 -29.21
C CYS D 132 -14.32 3.39 -29.72
N THR D 133 -15.14 3.61 -30.73
CA THR D 133 -15.20 4.88 -31.44
C THR D 133 -16.68 5.17 -31.73
N TRP D 134 -16.98 6.39 -32.17
CA TRP D 134 -18.36 6.75 -32.55
C TRP D 134 -18.92 5.81 -33.64
N ALA D 135 -18.04 5.25 -34.47
CA ALA D 135 -18.43 4.30 -35.53
C ALA D 135 -19.05 3.00 -35.00
N ASP D 136 -18.76 2.63 -33.76
CA ASP D 136 -19.41 1.48 -33.12
C ASP D 136 -20.81 1.80 -32.59
N GLY D 137 -21.24 3.06 -32.70
CA GLY D 137 -22.58 3.46 -32.29
C GLY D 137 -22.58 4.23 -30.98
N TYR D 138 -23.50 5.19 -30.90
CA TYR D 138 -23.55 6.15 -29.78
C TYR D 138 -23.88 5.52 -28.41
N THR D 139 -24.60 4.41 -28.41
CA THR D 139 -24.97 3.76 -27.15
C THR D 139 -23.78 3.04 -26.51
N MET D 140 -22.94 2.41 -27.35
CA MET D 140 -21.73 1.75 -26.88
C MET D 140 -20.65 2.77 -26.48
N TYR D 141 -20.45 3.78 -27.32
CA TYR D 141 -19.42 4.79 -27.11
C TYR D 141 -19.67 5.62 -25.85
N LEU D 142 -20.89 6.11 -25.70
CA LEU D 142 -21.27 6.88 -24.52
C LEU D 142 -21.46 6.00 -23.28
N GLY D 143 -21.74 4.72 -23.48
CA GLY D 143 -21.84 3.76 -22.38
C GLY D 143 -20.59 3.65 -21.51
N PHE D 144 -19.45 4.06 -22.07
CA PHE D 144 -18.19 4.11 -21.35
C PHE D 144 -18.11 5.27 -20.35
N ALA D 145 -19.02 6.23 -20.46
CA ALA D 145 -19.04 7.36 -19.54
C ALA D 145 -19.44 6.88 -18.14
N PRO D 146 -18.77 7.40 -17.10
CA PRO D 146 -19.23 7.09 -15.74
C PRO D 146 -20.62 7.66 -15.53
N GLY D 147 -21.48 6.90 -14.86
CA GLY D 147 -22.87 7.30 -14.66
C GLY D 147 -23.81 6.79 -15.74
N ALA D 148 -23.27 6.20 -16.81
CA ALA D 148 -24.12 5.59 -17.83
C ALA D 148 -24.88 4.39 -17.25
N GLU D 149 -24.23 3.60 -16.40
CA GLU D 149 -24.90 2.45 -15.74
C GLU D 149 -26.21 2.84 -15.05
N MET D 150 -26.34 4.12 -14.75
CA MET D 150 -27.57 4.72 -14.24
C MET D 150 -28.77 4.57 -15.20
N PHE D 151 -28.50 4.46 -16.51
CA PHE D 151 -29.54 4.38 -17.54
C PHE D 151 -29.35 3.19 -18.46
N LEU D 152 -29.37 1.99 -17.88
CA LEU D 152 -29.13 0.74 -18.58
C LEU D 152 -29.96 0.56 -19.86
N ASP D 153 -31.21 1.02 -19.85
CA ASP D 153 -32.09 0.89 -21.02
C ASP D 153 -31.68 1.85 -22.13
N ALA D 154 -31.29 3.06 -21.75
CA ALA D 154 -30.84 4.07 -22.70
C ALA D 154 -29.52 3.67 -23.39
N PHE D 155 -28.70 2.89 -22.69
CA PHE D 155 -27.39 2.47 -23.19
C PHE D 155 -27.29 0.96 -23.45
N ASP D 156 -28.45 0.35 -23.70
CA ASP D 156 -28.55 -1.04 -24.17
C ASP D 156 -27.62 -2.01 -23.45
N PHE D 157 -27.61 -1.92 -22.11
CA PHE D 157 -26.82 -2.83 -21.25
C PHE D 157 -25.30 -2.67 -21.36
N TYR D 158 -24.81 -1.75 -22.18
CA TYR D 158 -23.37 -1.66 -22.43
C TYR D 158 -22.53 -1.36 -21.18
N PRO D 159 -22.98 -0.42 -20.32
CA PRO D 159 -22.22 -0.16 -19.08
C PRO D 159 -22.04 -1.40 -18.19
N LEU D 160 -23.05 -2.26 -18.15
CA LEU D 160 -22.95 -3.52 -17.40
C LEU D 160 -21.90 -4.45 -17.99
N VAL D 161 -22.02 -4.69 -19.28
CA VAL D 161 -21.15 -5.62 -19.96
C VAL D 161 -19.71 -5.08 -20.06
N ILE D 162 -19.58 -3.77 -20.24
CA ILE D 162 -18.26 -3.12 -20.24
C ILE D 162 -17.50 -3.39 -18.94
N GLU D 163 -18.24 -3.41 -17.83
CA GLU D 163 -17.67 -3.73 -16.52
C GLU D 163 -17.23 -5.19 -16.45
N MET D 164 -18.05 -6.08 -17.01
CA MET D 164 -17.73 -7.50 -17.05
C MET D 164 -16.40 -7.74 -17.78
N HIS D 165 -16.18 -7.03 -18.88
CA HIS D 165 -14.92 -7.13 -19.63
C HIS D 165 -13.77 -6.48 -18.89
N ARG D 166 -14.06 -5.52 -18.01
CA ARG D 166 -13.03 -4.92 -17.18
C ARG D 166 -12.60 -5.87 -16.07
N VAL D 167 -13.53 -6.68 -15.55
CA VAL D 167 -13.18 -7.71 -14.57
C VAL D 167 -12.35 -8.80 -15.25
N LEU D 168 -12.74 -9.19 -16.45
CA LEU D 168 -12.16 -10.37 -17.12
C LEU D 168 -10.88 -10.11 -17.94
N LYS D 169 -10.73 -8.91 -18.49
CA LYS D 169 -9.57 -8.58 -19.31
C LYS D 169 -8.56 -7.75 -18.52
N ASP D 170 -9.03 -6.63 -17.99
CA ASP D 170 -8.24 -5.84 -17.04
C ASP D 170 -8.53 -6.44 -15.68
N ASN D 171 -7.69 -6.16 -14.70
CA ASN D 171 -7.80 -6.81 -13.40
C ASN D 171 -8.58 -5.95 -12.41
N MET D 172 -9.83 -5.63 -12.76
CA MET D 172 -10.69 -4.76 -11.95
C MET D 172 -11.23 -5.52 -10.73
N ASP D 173 -11.61 -4.77 -9.70
CA ASP D 173 -11.87 -5.33 -8.37
C ASP D 173 -13.27 -5.94 -8.16
N VAL D 174 -14.10 -5.96 -9.20
CA VAL D 174 -15.42 -6.63 -9.16
C VAL D 174 -16.42 -5.96 -8.22
N ASN D 175 -15.96 -5.55 -7.04
CA ASN D 175 -16.74 -4.72 -6.14
C ASN D 175 -17.15 -3.38 -6.79
N PHE D 176 -16.41 -2.96 -7.81
CA PHE D 176 -16.82 -1.83 -8.66
C PHE D 176 -18.12 -2.10 -9.41
N MET D 177 -18.45 -3.38 -9.58
CA MET D 177 -19.66 -3.77 -10.29
C MET D 177 -20.87 -3.93 -9.38
N LYS D 178 -20.71 -3.63 -8.10
CA LYS D 178 -21.81 -3.75 -7.13
C LYS D 178 -22.96 -2.81 -7.46
N LYS D 179 -22.64 -1.59 -7.84
CA LYS D 179 -23.68 -0.59 -8.19
C LYS D 179 -24.47 -0.99 -9.43
N VAL D 180 -23.78 -1.38 -10.49
CA VAL D 180 -24.47 -1.71 -11.75
C VAL D 180 -25.40 -2.91 -11.54
N LEU D 181 -24.93 -3.86 -10.73
CA LEU D 181 -25.72 -5.05 -10.37
C LEU D 181 -26.96 -4.74 -9.51
N ARG D 182 -27.14 -3.49 -9.09
CA ARG D 182 -28.35 -3.08 -8.38
C ARG D 182 -29.15 -2.01 -9.14
N GLN D 183 -28.76 -1.72 -10.38
CA GLN D 183 -29.47 -0.74 -11.20
C GLN D 183 -30.72 -1.31 -11.81
N ARG D 184 -31.57 -0.43 -12.35
CA ARG D 184 -32.77 -0.82 -13.05
C ARG D 184 -32.52 -0.95 -14.54
N TYR D 185 -33.40 -1.70 -15.21
CA TYR D 185 -33.49 -1.69 -16.66
C TYR D 185 -34.93 -1.38 -17.04
N GLY D 186 -35.18 -0.12 -17.41
CA GLY D 186 -36.52 0.31 -17.80
C GLY D 186 -37.44 0.35 -16.60
N THR D 187 -38.30 -0.66 -16.48
CA THR D 187 -39.18 -0.79 -15.33
C THR D 187 -38.82 -2.01 -14.47
N MET D 188 -37.84 -2.79 -14.92
CA MET D 188 -37.51 -4.08 -14.30
C MET D 188 -36.34 -3.95 -13.33
N THR D 189 -36.47 -4.57 -12.17
CA THR D 189 -35.42 -4.57 -11.14
C THR D 189 -34.26 -5.49 -11.55
N ALA D 190 -33.16 -5.43 -10.80
CA ALA D 190 -31.94 -6.17 -11.14
C ALA D 190 -32.12 -7.69 -11.07
N GLU D 191 -32.92 -8.15 -10.10
CA GLU D 191 -33.26 -9.56 -9.99
C GLU D 191 -34.06 -10.05 -11.19
N GLU D 192 -34.82 -9.14 -11.81
CA GLU D 192 -35.64 -9.47 -12.98
C GLU D 192 -34.80 -9.57 -14.26
N TRP D 193 -34.06 -8.52 -14.60
CA TRP D 193 -33.40 -8.43 -15.91
C TRP D 193 -32.17 -9.34 -16.11
N MET D 194 -31.59 -9.81 -15.01
CA MET D 194 -30.53 -10.85 -15.06
C MET D 194 -31.21 -12.23 -15.11
N THR D 195 -32.26 -12.32 -15.94
CA THR D 195 -33.00 -13.54 -16.23
C THR D 195 -33.98 -13.24 -17.36
N GLN D 196 -34.82 -12.23 -17.13
CA GLN D 196 -35.89 -11.84 -18.04
C GLN D 196 -35.36 -11.09 -19.27
N LYS D 197 -34.26 -10.36 -19.10
CA LYS D 197 -33.67 -9.59 -20.20
C LYS D 197 -32.22 -10.01 -20.49
N ILE D 198 -31.97 -11.32 -20.51
CA ILE D 198 -30.73 -11.86 -21.10
C ILE D 198 -30.96 -11.89 -22.62
N THR D 199 -30.08 -12.55 -23.37
CA THR D 199 -30.02 -12.42 -24.83
C THR D 199 -29.46 -11.04 -25.22
N GLU D 200 -30.17 -9.98 -24.82
CA GLU D 200 -29.68 -8.61 -24.99
C GLU D 200 -28.29 -8.47 -24.36
N ILE D 201 -28.17 -9.00 -23.13
CA ILE D 201 -26.93 -8.90 -22.36
C ILE D 201 -25.83 -9.75 -22.99
N LYS D 202 -26.18 -10.95 -23.43
CA LYS D 202 -25.26 -11.79 -24.20
C LYS D 202 -24.83 -11.09 -25.50
N ALA D 203 -25.79 -10.43 -26.15
CA ALA D 203 -25.53 -9.69 -27.40
C ALA D 203 -24.60 -8.52 -27.15
N ALA D 204 -24.90 -7.73 -26.12
CA ALA D 204 -24.06 -6.62 -25.72
C ALA D 204 -22.65 -7.10 -25.36
N PHE D 205 -22.58 -8.16 -24.55
CA PHE D 205 -21.31 -8.82 -24.19
C PHE D 205 -20.44 -9.11 -25.42
N ASN D 206 -20.98 -9.89 -26.35
CA ASN D 206 -20.26 -10.26 -27.58
C ASN D 206 -19.96 -9.05 -28.47
N SER D 207 -20.92 -8.11 -28.52
CA SER D 207 -20.77 -6.89 -29.31
C SER D 207 -19.56 -6.04 -28.85
N VAL D 208 -19.45 -5.79 -27.54
CA VAL D 208 -18.25 -5.10 -27.03
C VAL D 208 -17.05 -6.03 -26.98
N GLY D 209 -17.30 -7.34 -26.92
CA GLY D 209 -16.23 -8.33 -27.02
C GLY D 209 -15.52 -8.26 -28.37
N GLN D 210 -16.29 -7.93 -29.41
CA GLN D 210 -15.75 -7.85 -30.78
C GLN D 210 -14.81 -6.64 -30.96
N LEU D 211 -14.81 -5.71 -30.02
CA LEU D 211 -13.89 -4.58 -30.04
C LEU D 211 -12.43 -4.99 -29.91
N ALA D 212 -11.54 -4.06 -30.23
CA ALA D 212 -10.13 -4.18 -29.89
C ALA D 212 -9.99 -3.84 -28.41
N TRP D 213 -8.79 -3.48 -27.95
CA TRP D 213 -8.60 -3.06 -26.55
C TRP D 213 -7.66 -1.86 -26.37
N ALA D 214 -7.23 -1.25 -27.47
CA ALA D 214 -6.47 0.02 -27.48
C ALA D 214 -5.88 0.27 -28.87
N LYS D 215 -4.71 -0.32 -29.14
CA LYS D 215 -4.05 -0.27 -30.45
C LYS D 215 -3.88 1.14 -31.01
N GLY D 217 -0.35 1.31 -32.15
CA GLY D 217 -0.08 2.65 -32.67
C GLY D 217 -0.21 2.69 -34.18
N PHE D 218 0.93 2.56 -34.88
CA PHE D 218 0.95 2.53 -36.34
C PHE D 218 0.92 1.07 -36.80
N SER D 219 1.39 0.80 -38.02
CA SER D 219 1.58 -0.54 -38.54
C SER D 219 2.79 -0.52 -39.48
N PRO D 220 4.02 -0.59 -38.92
CA PRO D 220 4.54 -0.93 -37.58
C PRO D 220 3.70 -0.53 -36.36
N ALA D 221 2.95 -1.43 -35.71
CA ALA D 221 2.89 -2.91 -35.84
C ALA D 221 3.93 -3.67 -36.69
N ALA D 222 3.78 -3.59 -38.02
CA ALA D 222 4.67 -4.28 -38.97
C ALA D 222 6.12 -4.54 -38.52
N ARG D 223 6.80 -3.52 -37.99
CA ARG D 223 8.21 -3.71 -37.62
C ARG D 223 8.38 -4.37 -36.26
N THR D 224 7.51 -4.04 -35.31
CA THR D 224 7.50 -4.75 -34.03
C THR D 224 7.15 -6.22 -34.30
N PHE D 225 6.18 -6.46 -35.18
CA PHE D 225 5.86 -7.80 -35.68
C PHE D 225 7.04 -8.46 -36.40
N LEU D 226 7.87 -7.64 -37.04
CA LEU D 226 9.07 -8.12 -37.72
C LEU D 226 10.18 -8.50 -36.73
N GLN D 227 9.93 -8.28 -35.44
CA GLN D 227 10.87 -8.59 -34.37
C GLN D 227 10.26 -9.54 -33.34
N GLN D 228 8.95 -9.39 -33.06
CA GLN D 228 8.33 -10.06 -31.90
C GLN D 228 6.81 -9.86 -31.73
N PHE D 229 6.29 -8.68 -32.04
CA PHE D 229 4.84 -8.41 -32.10
C PHE D 229 4.59 -6.94 -32.43
N SER E 2 5.84 10.96 27.74
CA SER E 2 6.52 12.28 27.91
C SER E 2 7.90 12.31 27.22
N SER E 3 7.93 11.79 26.00
CA SER E 3 9.05 11.87 25.05
C SER E 3 9.19 10.54 24.30
N GLN E 4 8.85 10.58 23.02
CA GLN E 4 8.91 9.43 22.12
C GLN E 4 10.31 8.85 21.91
N PHE E 5 11.33 9.60 22.34
CA PHE E 5 12.72 9.18 22.21
C PHE E 5 13.28 8.57 23.50
N ILE E 6 12.43 8.42 24.51
CA ILE E 6 12.84 7.82 25.79
C ILE E 6 12.03 6.56 26.03
N PHE E 7 12.73 5.46 26.30
CA PHE E 7 12.09 4.17 26.52
C PHE E 7 12.45 3.63 27.91
N GLU E 8 11.42 3.18 28.63
CA GLU E 8 11.58 2.56 29.95
C GLU E 8 10.59 1.37 30.03
N ASP E 9 10.84 0.31 30.81
CA ASP E 9 11.93 0.14 31.80
C ASP E 9 11.93 -1.23 32.55
N VAL E 10 10.83 -1.82 33.06
CA VAL E 10 9.36 -1.47 33.02
C VAL E 10 8.62 -2.43 32.06
N PRO E 11 7.88 -3.43 32.61
CA PRO E 11 7.88 -4.04 33.95
C PRO E 11 7.73 -5.59 34.06
N GLN E 12 6.98 -6.22 33.16
CA GLN E 12 6.63 -7.68 33.17
C GLN E 12 5.61 -8.08 34.26
N ARG E 13 4.32 -8.34 34.00
CA ARG E 13 3.56 -8.38 32.72
C ARG E 13 2.60 -9.60 32.65
N ASN E 14 2.62 -10.46 33.68
CA ASN E 14 1.75 -11.64 33.74
C ASN E 14 0.51 -11.29 34.55
N ALA E 15 -0.56 -12.05 34.33
CA ALA E 15 -1.83 -11.86 35.05
C ALA E 15 -2.53 -10.51 34.76
N ALA E 16 -3.76 -10.60 34.24
CA ALA E 16 -4.60 -9.44 34.04
C ALA E 16 -5.41 -9.22 35.31
N THR E 17 -5.49 -7.96 35.72
CA THR E 17 -6.29 -7.58 36.90
C THR E 17 -7.70 -7.12 36.50
N PHE E 18 -7.84 -6.70 35.24
CA PHE E 18 -9.07 -6.14 34.70
C PHE E 18 -10.25 -7.12 34.78
N ASN E 19 -11.32 -6.69 35.45
CA ASN E 19 -12.57 -7.42 35.49
C ASN E 19 -13.65 -6.58 34.80
N PRO E 20 -14.06 -6.98 33.58
CA PRO E 20 -15.09 -6.26 32.81
C PRO E 20 -16.33 -5.92 33.63
N GLU E 21 -16.76 -6.83 34.49
CA GLU E 21 -17.96 -6.63 35.30
C GLU E 21 -17.81 -5.45 36.27
N VAL E 22 -16.61 -5.26 36.80
CA VAL E 22 -16.31 -4.12 37.66
C VAL E 22 -16.22 -2.84 36.82
N GLY E 23 -15.48 -2.92 35.72
CA GLY E 23 -15.32 -1.80 34.79
C GLY E 23 -16.63 -1.32 34.18
N TYR E 24 -17.56 -2.25 33.96
CA TYR E 24 -18.88 -1.90 33.41
C TYR E 24 -19.69 -1.07 34.40
N VAL E 25 -19.69 -1.49 35.67
CA VAL E 25 -20.49 -0.83 36.70
C VAL E 25 -19.95 0.56 37.01
N ALA E 26 -18.62 0.70 36.98
CA ALA E 26 -17.99 2.01 37.11
C ALA E 26 -18.35 2.92 35.93
N PHE E 27 -18.40 2.35 34.74
CA PHE E 27 -18.79 3.07 33.52
C PHE E 27 -20.25 3.53 33.59
N ILE E 28 -21.11 2.68 34.13
CA ILE E 28 -22.52 3.03 34.38
C ILE E 28 -22.61 4.04 35.52
N GLY E 29 -21.77 3.89 36.54
CA GLY E 29 -21.69 4.85 37.63
C GLY E 29 -21.38 6.25 37.16
N LYS E 30 -20.40 6.37 36.26
CA LYS E 30 -19.95 7.68 35.78
C LYS E 30 -20.89 8.27 34.71
N TYR E 31 -21.23 7.47 33.70
CA TYR E 31 -21.94 7.97 32.52
C TYR E 31 -23.40 7.52 32.41
N GLY E 32 -23.85 6.67 33.33
CA GLY E 32 -25.18 6.05 33.24
C GLY E 32 -26.36 6.97 32.98
N GLN E 33 -26.36 8.14 33.62
CA GLN E 33 -27.52 9.02 33.58
C GLN E 33 -27.70 9.79 32.27
N GLN E 34 -26.65 9.84 31.46
CA GLN E 34 -26.68 10.54 30.17
C GLN E 34 -26.69 9.58 28.98
N LEU E 35 -27.00 8.31 29.25
CA LEU E 35 -27.06 7.26 28.23
C LEU E 35 -28.48 7.06 27.74
N ASN E 36 -28.64 7.04 26.42
CA ASN E 36 -29.90 6.64 25.78
C ASN E 36 -29.60 6.03 24.42
N PHE E 37 -30.62 5.51 23.75
CA PHE E 37 -30.41 4.79 22.49
C PHE E 37 -29.89 5.68 21.35
N GLY E 38 -30.14 6.98 21.43
CA GLY E 38 -29.57 7.93 20.48
C GLY E 38 -28.06 8.04 20.61
N VAL E 39 -27.58 8.07 21.86
CA VAL E 39 -26.15 8.14 22.14
C VAL E 39 -25.45 6.87 21.63
N ALA E 40 -26.05 5.72 21.94
CA ALA E 40 -25.56 4.44 21.47
C ALA E 40 -25.62 4.36 19.95
N ARG E 41 -26.74 4.78 19.37
CA ARG E 41 -26.85 4.82 17.91
C ARG E 41 -25.63 5.52 17.33
N VAL E 42 -25.38 6.73 17.81
CA VAL E 42 -24.31 7.57 17.27
C VAL E 42 -22.94 6.91 17.43
N PHE E 43 -22.69 6.29 18.58
CA PHE E 43 -21.41 5.62 18.79
C PHE E 43 -21.16 4.56 17.73
N PHE E 44 -22.08 3.62 17.61
CA PHE E 44 -21.83 2.45 16.76
C PHE E 44 -21.77 2.77 15.27
N LEU E 45 -22.42 3.85 14.84
CA LEU E 45 -22.31 4.28 13.45
C LEU E 45 -20.96 4.96 13.18
N ASN E 46 -20.40 5.64 14.17
CA ASN E 46 -19.16 6.40 13.99
C ASN E 46 -17.93 5.75 14.61
N GLN E 47 -18.10 4.54 15.14
CA GLN E 47 -16.96 3.70 15.49
C GLN E 47 -16.40 3.21 14.17
N LYS E 48 -15.07 3.14 14.10
CA LYS E 48 -14.30 2.91 12.86
C LYS E 48 -13.71 4.24 12.46
N LYS E 49 -14.57 5.25 12.31
CA LYS E 49 -14.10 6.62 12.11
C LYS E 49 -13.36 7.07 13.36
N ALA E 50 -13.96 6.81 14.53
CA ALA E 50 -13.32 7.12 15.81
C ALA E 50 -12.00 6.39 15.99
N LYS E 51 -11.93 5.18 15.44
CA LYS E 51 -10.70 4.37 15.46
C LYS E 51 -9.64 4.96 14.53
N MET E 52 -10.08 5.53 13.40
CA MET E 52 -9.18 6.17 12.43
C MET E 52 -8.66 7.50 12.95
N VAL E 53 -9.51 8.24 13.66
CA VAL E 53 -9.15 9.56 14.16
C VAL E 53 -8.22 9.46 15.36
N LEU E 54 -8.65 8.70 16.37
CA LEU E 54 -7.81 8.43 17.54
C LEU E 54 -6.43 7.87 17.16
N HIS E 55 -6.40 7.14 16.06
CA HIS E 55 -5.18 6.58 15.50
C HIS E 55 -4.09 7.63 15.26
N LYS E 56 -4.48 8.82 14.79
CA LYS E 56 -3.51 9.84 14.37
C LYS E 56 -3.21 10.92 15.43
N THR E 57 -3.98 10.97 16.50
CA THR E 57 -3.85 12.08 17.47
C THR E 57 -3.05 11.67 18.71
N ALA E 58 -2.20 12.60 19.16
CA ALA E 58 -1.17 12.31 20.15
C ALA E 58 -1.47 12.92 21.53
N GLN E 59 -2.56 12.48 22.14
CA GLN E 59 -2.75 12.67 23.58
C GLN E 59 -3.25 11.36 24.20
N PRO E 60 -2.62 10.91 25.31
CA PRO E 60 -2.93 9.60 25.89
C PRO E 60 -4.38 9.42 26.35
N SER E 61 -5.11 10.52 26.53
CA SER E 61 -6.54 10.45 26.80
C SER E 61 -7.30 11.52 26.01
N VAL E 62 -7.67 11.19 24.77
CA VAL E 62 -8.42 12.09 23.90
C VAL E 62 -9.87 12.10 24.33
N ASP E 63 -10.45 13.29 24.49
CA ASP E 63 -11.82 13.39 24.96
C ASP E 63 -12.78 13.41 23.78
N LEU E 64 -13.59 12.37 23.67
CA LEU E 64 -14.55 12.23 22.57
C LEU E 64 -15.98 12.46 23.04
N THR E 65 -16.75 13.15 22.22
CA THR E 65 -18.16 13.38 22.47
C THR E 65 -18.96 12.58 21.45
N PHE E 66 -19.97 11.85 21.91
CA PHE E 66 -20.85 11.07 21.04
C PHE E 66 -22.30 11.40 21.36
N GLY E 67 -23.06 11.81 20.35
CA GLY E 67 -24.47 12.16 20.52
C GLY E 67 -24.69 13.19 21.61
N GLY E 68 -23.79 14.16 21.69
CA GLY E 68 -23.87 15.23 22.69
C GLY E 68 -23.40 14.84 24.09
N VAL E 69 -22.85 13.64 24.23
CA VAL E 69 -22.36 13.14 25.51
C VAL E 69 -20.84 12.99 25.46
N LYS E 70 -20.17 13.56 26.44
CA LYS E 70 -18.71 13.63 26.48
C LYS E 70 -18.12 12.48 27.28
N PHE E 71 -17.16 11.77 26.70
CA PHE E 71 -16.53 10.62 27.36
C PHE E 71 -15.03 10.79 27.52
N THR E 72 -14.52 10.51 28.71
CA THR E 72 -13.09 10.50 28.96
C THR E 72 -12.54 9.17 28.48
N VAL E 73 -11.78 9.23 27.38
CA VAL E 73 -11.36 8.05 26.64
C VAL E 73 -9.84 7.90 26.67
N VAL E 74 -9.36 6.76 27.18
CA VAL E 74 -7.95 6.41 27.07
C VAL E 74 -7.66 6.04 25.62
N ASN E 75 -6.50 6.46 25.11
CA ASN E 75 -6.13 6.13 23.74
C ASN E 75 -4.82 5.37 23.62
N ASN E 76 -4.91 4.09 23.26
CA ASN E 76 -3.75 3.29 22.88
C ASN E 76 -3.69 3.03 21.37
N HIS E 77 -4.48 3.76 20.58
CA HIS E 77 -4.47 3.57 19.12
C HIS E 77 -3.31 4.27 18.43
N PHE E 78 -2.91 5.42 18.95
CA PHE E 78 -1.71 6.11 18.48
C PHE E 78 -0.54 5.14 18.57
N PRO E 79 0.03 4.71 17.41
CA PRO E 79 0.93 3.55 17.35
C PRO E 79 2.27 3.76 18.08
N GLN E 80 2.18 4.20 19.33
CA GLN E 80 3.33 4.44 20.19
C GLN E 80 2.85 4.54 21.66
N TYR E 81 1.57 4.89 21.84
CA TYR E 81 0.82 4.50 23.03
C TYR E 81 0.33 3.05 22.89
N VAL E 82 0.57 2.43 21.74
CA VAL E 82 0.08 1.07 21.42
C VAL E 82 0.36 0.03 22.51
N SER E 83 1.31 0.33 23.41
CA SER E 83 1.38 -0.30 24.73
C SER E 83 1.49 0.82 25.76
N ASN E 84 0.85 0.66 26.93
CA ASN E 84 0.69 1.75 27.91
C ASN E 84 -0.42 1.41 28.92
N PRO E 85 -0.13 1.50 30.24
CA PRO E 85 -1.05 0.97 31.26
C PRO E 85 -2.43 1.63 31.34
N VAL E 86 -3.49 0.84 31.09
CA VAL E 86 -4.87 1.30 31.17
C VAL E 86 -5.44 0.87 32.53
N PRO E 87 -5.95 1.82 33.35
CA PRO E 87 -6.54 1.40 34.64
C PRO E 87 -7.78 0.51 34.49
N ASP E 88 -8.10 -0.25 35.53
CA ASP E 88 -9.21 -1.22 35.52
C ASP E 88 -10.59 -0.58 35.34
N ASN E 89 -10.74 0.66 35.80
CA ASN E 89 -11.76 1.55 35.24
C ASN E 89 -11.02 2.45 34.26
N ALA E 90 -11.76 3.07 33.33
CA ALA E 90 -11.16 3.69 32.14
C ALA E 90 -11.57 2.87 30.93
N ILE E 91 -11.68 3.56 29.80
CA ILE E 91 -12.23 3.01 28.57
C ILE E 91 -11.33 3.42 27.41
N THR E 92 -11.15 2.53 26.44
CA THR E 92 -10.27 2.79 25.29
C THR E 92 -11.03 3.24 24.06
N LEU E 93 -12.19 2.63 23.84
CA LEU E 93 -12.96 2.68 22.59
C LEU E 93 -13.57 1.27 22.49
N HIS E 94 -12.71 0.26 22.54
CA HIS E 94 -13.11 -1.15 22.59
C HIS E 94 -13.92 -1.44 23.86
N ARG E 95 -13.40 -1.00 25.00
CA ARG E 95 -14.10 -1.20 26.27
C ARG E 95 -15.43 -0.48 26.27
N MET E 96 -15.42 0.75 25.77
CA MET E 96 -16.60 1.59 25.69
C MET E 96 -17.66 0.99 24.77
N SER E 97 -17.23 0.33 23.71
CA SER E 97 -18.13 -0.39 22.81
C SER E 97 -18.75 -1.61 23.49
N GLY E 98 -17.91 -2.42 24.14
CA GLY E 98 -18.36 -3.56 24.94
C GLY E 98 -19.34 -3.13 26.02
N TYR E 99 -18.99 -2.11 26.78
CA TYR E 99 -19.95 -1.40 27.60
C TYR E 99 -20.75 -0.65 26.54
N LEU E 100 -22.02 -0.37 26.77
CA LEU E 100 -22.92 0.11 25.70
C LEU E 100 -23.59 -1.11 25.10
N ALA E 101 -22.82 -1.99 24.46
CA ALA E 101 -23.38 -3.25 24.00
C ALA E 101 -24.06 -3.96 25.16
N ARG E 102 -23.30 -4.13 26.24
CA ARG E 102 -23.81 -4.74 27.46
C ARG E 102 -25.01 -3.98 28.01
N TRP E 103 -24.89 -2.65 28.02
CA TRP E 103 -25.96 -1.78 28.51
C TRP E 103 -27.25 -1.91 27.69
N ILE E 104 -27.14 -1.91 26.36
CA ILE E 104 -28.31 -2.08 25.49
C ILE E 104 -28.99 -3.42 25.75
N ALA E 105 -28.20 -4.48 25.79
CA ALA E 105 -28.71 -5.83 25.98
C ALA E 105 -29.45 -5.98 27.31
N ASP E 106 -28.91 -5.39 28.37
CA ASP E 106 -29.55 -5.42 29.68
C ASP E 106 -30.88 -4.64 29.67
N THR E 107 -30.89 -3.47 29.05
CA THR E 107 -32.11 -2.67 28.94
C THR E 107 -33.18 -3.41 28.14
N CYS E 108 -32.75 -4.17 27.13
CA CYS E 108 -33.66 -4.95 26.29
C CYS E 108 -34.18 -6.17 27.02
N LYS E 109 -33.30 -6.81 27.79
CA LYS E 109 -33.66 -7.97 28.59
C LYS E 109 -34.91 -7.74 29.44
N ALA E 110 -34.99 -6.55 30.05
CA ALA E 110 -36.03 -6.29 31.06
C ALA E 110 -37.32 -5.69 30.50
N SER E 111 -37.40 -5.50 29.18
CA SER E 111 -38.52 -4.77 28.58
C SER E 111 -38.65 -5.03 27.06
N VAL E 112 -39.75 -5.65 26.67
CA VAL E 112 -40.06 -5.90 25.26
C VAL E 112 -40.19 -4.58 24.50
N LEU E 113 -40.74 -3.58 25.19
CA LEU E 113 -40.97 -2.27 24.60
C LEU E 113 -39.64 -1.55 24.32
N LYS E 114 -38.71 -1.61 25.27
CA LYS E 114 -37.36 -1.07 25.07
C LYS E 114 -36.62 -1.83 23.97
N LEU E 115 -36.89 -3.13 23.83
CA LEU E 115 -36.32 -3.93 22.75
C LEU E 115 -36.75 -3.36 21.39
N ALA E 116 -38.03 -3.06 21.25
CA ALA E 116 -38.58 -2.49 20.01
C ALA E 116 -37.96 -1.14 19.68
N GLU E 117 -37.71 -0.32 20.70
CA GLU E 117 -37.11 1.00 20.52
C GLU E 117 -35.66 0.89 20.08
N ALA E 118 -34.90 0.04 20.76
CA ALA E 118 -33.51 -0.25 20.37
C ALA E 118 -33.47 -0.79 18.93
N SER E 119 -34.41 -1.68 18.62
CA SER E 119 -34.52 -2.26 17.27
C SER E 119 -34.68 -1.21 16.17
N ALA E 120 -35.35 -0.11 16.47
CA ALA E 120 -35.60 0.94 15.49
C ALA E 120 -34.48 1.97 15.33
N GLN E 121 -33.66 2.16 16.37
CA GLN E 121 -32.68 3.25 16.38
C GLN E 121 -31.24 2.80 16.18
N ILE E 122 -30.86 1.67 16.78
CA ILE E 122 -29.43 1.30 16.81
C ILE E 122 -29.06 0.35 15.68
N VAL E 123 -27.98 0.69 14.99
CA VAL E 123 -27.49 -0.12 13.88
C VAL E 123 -26.10 -0.63 14.19
N MET E 124 -25.93 -1.94 14.02
CA MET E 124 -24.64 -2.61 14.17
C MET E 124 -24.15 -3.02 12.77
N PRO E 125 -23.33 -2.16 12.13
CA PRO E 125 -22.96 -2.48 10.75
C PRO E 125 -22.09 -3.73 10.59
N LEU E 126 -21.34 -4.11 11.64
CA LEU E 126 -20.60 -5.39 11.62
C LEU E 126 -21.52 -6.61 11.56
N ALA E 127 -22.71 -6.47 12.13
CA ALA E 127 -23.74 -7.51 12.04
C ALA E 127 -24.43 -7.49 10.68
N GLU E 128 -24.78 -6.28 10.23
CA GLU E 128 -25.58 -6.12 9.03
C GLU E 128 -24.94 -6.75 7.80
N VAL E 129 -23.65 -6.47 7.60
CA VAL E 129 -22.93 -6.98 6.42
C VAL E 129 -22.87 -8.51 6.37
N LYS E 130 -23.10 -9.17 7.50
CA LYS E 130 -23.18 -10.64 7.55
C LYS E 130 -24.62 -11.15 7.47
N GLY E 131 -25.58 -10.24 7.27
CA GLY E 131 -26.98 -10.63 7.17
C GLY E 131 -27.67 -10.82 8.51
N CYS E 132 -27.06 -10.35 9.59
CA CYS E 132 -27.64 -10.44 10.94
C CYS E 132 -28.50 -9.23 11.25
N THR E 133 -29.75 -9.46 11.65
CA THR E 133 -30.71 -8.41 11.94
C THR E 133 -31.14 -8.55 13.43
N TRP E 134 -31.80 -7.54 13.99
CA TRP E 134 -32.44 -7.66 15.30
C TRP E 134 -33.38 -8.87 15.37
N ALA E 135 -34.05 -9.14 14.25
CA ALA E 135 -34.89 -10.34 14.05
C ALA E 135 -34.21 -11.67 14.42
N ASP E 136 -32.89 -11.73 14.31
CA ASP E 136 -32.13 -12.92 14.76
C ASP E 136 -31.89 -12.99 16.27
N GLY E 137 -32.37 -11.99 17.01
CA GLY E 137 -32.23 -11.96 18.47
C GLY E 137 -31.17 -10.97 18.91
N TYR E 138 -31.43 -10.24 19.99
CA TYR E 138 -30.53 -9.17 20.42
C TYR E 138 -29.16 -9.67 20.88
N THR E 139 -29.06 -10.92 21.32
CA THR E 139 -27.80 -11.43 21.82
C THR E 139 -26.84 -11.70 20.66
N MET E 140 -27.38 -12.21 19.56
CA MET E 140 -26.58 -12.39 18.36
C MET E 140 -26.21 -11.05 17.74
N TYR E 141 -27.21 -10.22 17.45
CA TYR E 141 -27.01 -8.93 16.77
C TYR E 141 -26.02 -8.04 17.53
N LEU E 142 -26.21 -7.94 18.84
CA LEU E 142 -25.32 -7.11 19.66
C LEU E 142 -23.97 -7.80 19.88
N GLY E 143 -23.96 -9.12 19.77
CA GLY E 143 -22.74 -9.91 19.86
C GLY E 143 -21.67 -9.57 18.83
N PHE E 144 -22.07 -8.87 17.77
CA PHE E 144 -21.13 -8.37 16.76
C PHE E 144 -20.36 -7.14 17.20
N ALA E 145 -20.81 -6.47 18.24
CA ALA E 145 -20.15 -5.25 18.71
C ALA E 145 -18.73 -5.55 19.20
N PRO E 146 -17.75 -4.72 18.80
CA PRO E 146 -16.41 -4.92 19.35
C PRO E 146 -16.44 -4.74 20.86
N GLY E 147 -15.82 -5.66 21.59
CA GLY E 147 -15.84 -5.60 23.04
C GLY E 147 -16.86 -6.51 23.68
N ALA E 148 -17.83 -6.98 22.91
CA ALA E 148 -18.87 -7.88 23.43
C ALA E 148 -18.28 -9.17 23.99
N GLU E 149 -17.11 -9.56 23.47
CA GLU E 149 -16.40 -10.75 23.94
C GLU E 149 -16.00 -10.66 25.42
N MET E 150 -15.99 -9.45 25.98
CA MET E 150 -15.85 -9.24 27.43
C MET E 150 -17.01 -9.82 28.26
N PHE E 151 -18.16 -10.04 27.62
CA PHE E 151 -19.38 -10.50 28.28
C PHE E 151 -19.97 -11.72 27.57
N LEU E 152 -19.22 -12.81 27.57
CA LEU E 152 -19.63 -14.07 26.91
C LEU E 152 -20.96 -14.61 27.43
N ASP E 153 -21.15 -14.47 28.75
CA ASP E 153 -22.38 -14.84 29.45
C ASP E 153 -23.59 -14.08 28.93
N ALA E 154 -23.46 -12.76 28.82
CA ALA E 154 -24.56 -11.90 28.43
C ALA E 154 -24.94 -12.06 26.96
N PHE E 155 -23.96 -12.35 26.10
CA PHE E 155 -24.23 -12.54 24.67
C PHE E 155 -24.20 -13.99 24.23
N ASP E 156 -24.45 -14.90 25.17
CA ASP E 156 -24.69 -16.31 24.88
C ASP E 156 -23.62 -16.91 23.96
N PHE E 157 -22.36 -16.54 24.20
CA PHE E 157 -21.20 -17.02 23.44
C PHE E 157 -21.12 -16.56 21.96
N TYR E 158 -22.02 -15.70 21.50
CA TYR E 158 -22.02 -15.29 20.08
C TYR E 158 -20.74 -14.58 19.63
N PRO E 159 -20.17 -13.68 20.47
CA PRO E 159 -18.92 -13.04 20.06
C PRO E 159 -17.83 -14.05 19.71
N LEU E 160 -17.71 -15.10 20.53
CA LEU E 160 -16.77 -16.18 20.27
C LEU E 160 -16.99 -16.87 18.92
N VAL E 161 -18.21 -17.34 18.67
CA VAL E 161 -18.50 -18.10 17.43
C VAL E 161 -18.45 -17.24 16.19
N ILE E 162 -18.84 -15.98 16.31
CA ILE E 162 -18.71 -15.04 15.21
C ILE E 162 -17.25 -15.01 14.75
N GLU E 163 -16.32 -14.96 15.70
CA GLU E 163 -14.90 -14.91 15.39
C GLU E 163 -14.40 -16.20 14.73
N MET E 164 -14.93 -17.35 15.17
CA MET E 164 -14.60 -18.64 14.58
C MET E 164 -15.01 -18.66 13.10
N HIS E 165 -16.20 -18.14 12.82
CA HIS E 165 -16.70 -18.03 11.46
C HIS E 165 -15.88 -17.03 10.63
N ARG E 166 -15.38 -15.98 11.26
CA ARG E 166 -14.49 -15.04 10.58
C ARG E 166 -13.12 -15.68 10.23
N VAL E 167 -12.62 -16.55 11.11
CA VAL E 167 -11.42 -17.32 10.80
C VAL E 167 -11.67 -18.26 9.62
N LEU E 168 -12.85 -18.88 9.61
CA LEU E 168 -13.15 -19.97 8.69
C LEU E 168 -13.59 -19.57 7.29
N LYS E 169 -14.41 -18.53 7.14
CA LYS E 169 -14.94 -18.14 5.82
C LYS E 169 -14.42 -16.81 5.26
N ASP E 170 -14.05 -15.88 6.14
CA ASP E 170 -13.10 -14.82 5.75
C ASP E 170 -11.76 -15.43 6.11
N ASN E 171 -10.66 -14.76 5.81
CA ASN E 171 -9.37 -15.27 6.26
C ASN E 171 -8.82 -14.37 7.35
N MET E 172 -9.56 -14.30 8.46
CA MET E 172 -9.12 -13.53 9.60
C MET E 172 -7.97 -14.28 10.25
N ASP E 173 -6.90 -13.55 10.58
CA ASP E 173 -5.76 -14.15 11.26
C ASP E 173 -6.22 -14.73 12.60
N VAL E 174 -6.16 -16.05 12.71
CA VAL E 174 -6.55 -16.78 13.92
C VAL E 174 -6.06 -16.11 15.23
N ASN E 175 -4.97 -15.35 15.14
CA ASN E 175 -4.45 -14.61 16.31
C ASN E 175 -5.34 -13.46 16.77
N PHE E 176 -6.40 -13.18 16.02
CA PHE E 176 -7.42 -12.21 16.46
C PHE E 176 -8.32 -12.82 17.53
N MET E 177 -8.31 -14.15 17.62
CA MET E 177 -9.10 -14.84 18.65
C MET E 177 -8.41 -14.89 20.01
N LYS E 178 -7.20 -14.35 20.12
CA LYS E 178 -6.45 -14.41 21.38
C LYS E 178 -7.28 -13.94 22.56
N LYS E 179 -7.91 -12.77 22.43
CA LYS E 179 -8.60 -12.16 23.57
C LYS E 179 -9.80 -12.99 24.01
N VAL E 180 -10.64 -13.37 23.06
CA VAL E 180 -11.88 -14.09 23.37
C VAL E 180 -11.61 -15.47 24.00
N LEU E 181 -10.52 -16.12 23.60
CA LEU E 181 -10.21 -17.46 24.10
C LEU E 181 -9.63 -17.43 25.52
N ARG E 182 -9.38 -16.25 26.07
CA ARG E 182 -9.01 -16.15 27.49
C ARG E 182 -10.02 -15.36 28.31
N GLN E 183 -11.16 -15.00 27.74
CA GLN E 183 -12.22 -14.36 28.51
C GLN E 183 -12.91 -15.38 29.42
N ARG E 184 -13.72 -14.87 30.34
CA ARG E 184 -14.51 -15.74 31.21
C ARG E 184 -15.94 -15.88 30.73
N TYR E 185 -16.59 -16.93 31.21
CA TYR E 185 -18.02 -17.11 31.05
C TYR E 185 -18.61 -17.12 32.44
N GLY E 186 -18.98 -15.94 32.92
CA GLY E 186 -19.33 -15.75 34.33
C GLY E 186 -18.06 -15.80 35.15
N THR E 187 -17.96 -16.77 36.05
CA THR E 187 -16.76 -16.96 36.87
C THR E 187 -15.80 -17.99 36.27
N MET E 188 -16.34 -18.85 35.42
CA MET E 188 -15.59 -19.91 34.77
C MET E 188 -14.46 -19.35 33.91
N THR E 189 -13.24 -19.86 34.09
CA THR E 189 -12.12 -19.53 33.21
C THR E 189 -12.32 -20.24 31.87
N ALA E 190 -11.57 -19.80 30.85
CA ALA E 190 -11.70 -20.35 29.50
C ALA E 190 -11.51 -21.86 29.48
N GLU E 191 -10.36 -22.28 30.00
CA GLU E 191 -10.02 -23.69 30.21
C GLU E 191 -11.23 -24.54 30.64
N GLU E 192 -12.12 -23.95 31.43
CA GLU E 192 -13.27 -24.69 31.94
C GLU E 192 -14.46 -24.69 30.97
N TRP E 193 -14.87 -23.53 30.48
CA TRP E 193 -16.01 -23.48 29.53
C TRP E 193 -15.70 -24.09 28.15
N MET E 194 -14.43 -24.16 27.79
CA MET E 194 -14.05 -24.79 26.54
C MET E 194 -14.44 -26.27 26.56
N THR E 195 -14.46 -26.87 27.76
CA THR E 195 -14.94 -28.24 27.91
C THR E 195 -16.41 -28.28 28.32
N GLN E 196 -16.72 -27.58 29.42
CA GLN E 196 -18.01 -27.72 30.09
C GLN E 196 -19.21 -27.16 29.31
N LYS E 197 -18.95 -26.22 28.42
CA LYS E 197 -20.02 -25.50 27.73
C LYS E 197 -19.98 -25.69 26.20
N ILE E 198 -19.34 -26.77 25.75
CA ILE E 198 -19.19 -27.07 24.31
C ILE E 198 -20.53 -27.23 23.58
N THR E 199 -21.55 -27.72 24.28
CA THR E 199 -22.89 -27.92 23.69
C THR E 199 -23.58 -26.61 23.33
N GLU E 200 -23.55 -25.64 24.24
CA GLU E 200 -24.12 -24.33 23.97
C GLU E 200 -23.32 -23.63 22.88
N ILE E 201 -22.00 -23.80 22.93
CA ILE E 201 -21.10 -23.16 21.98
C ILE E 201 -21.33 -23.74 20.57
N LYS E 202 -21.49 -25.06 20.48
CA LYS E 202 -21.87 -25.69 19.20
C LYS E 202 -23.21 -25.18 18.71
N ALA E 203 -24.17 -25.00 19.62
CA ALA E 203 -25.49 -24.45 19.27
C ALA E 203 -25.37 -23.04 18.70
N ALA E 204 -24.64 -22.17 19.39
CA ALA E 204 -24.36 -20.82 18.89
C ALA E 204 -23.63 -20.82 17.55
N PHE E 205 -22.78 -21.83 17.33
CA PHE E 205 -22.01 -21.96 16.09
C PHE E 205 -22.85 -22.28 14.86
N ASN E 206 -23.97 -22.98 15.07
CA ASN E 206 -24.65 -23.69 13.97
C ASN E 206 -25.40 -23.04 12.78
N SER E 207 -26.16 -21.92 12.80
CA SER E 207 -26.68 -21.05 13.89
C SER E 207 -26.28 -19.60 13.56
N VAL E 208 -25.06 -19.19 13.92
CA VAL E 208 -24.42 -18.08 13.20
C VAL E 208 -24.07 -18.62 11.81
N GLY E 209 -23.83 -19.92 11.75
CA GLY E 209 -23.50 -20.60 10.49
C GLY E 209 -24.61 -20.71 9.47
N GLN E 210 -25.85 -20.33 9.82
CA GLN E 210 -26.94 -20.30 8.84
C GLN E 210 -27.44 -18.88 8.58
N LEU E 211 -26.48 -17.98 8.52
CA LEU E 211 -26.69 -16.57 8.23
C LEU E 211 -26.08 -16.34 6.84
N ALA E 212 -26.36 -15.20 6.21
CA ALA E 212 -25.93 -14.94 4.82
C ALA E 212 -24.55 -14.27 4.72
N TRP E 213 -23.70 -14.72 3.81
CA TRP E 213 -22.34 -14.17 3.67
C TRP E 213 -21.99 -13.88 2.20
N ALA E 214 -20.73 -14.08 1.81
CA ALA E 214 -20.22 -13.74 0.48
C ALA E 214 -20.15 -12.21 0.30
N LYS E 215 -20.20 -11.75 -0.95
CA LYS E 215 -20.14 -10.31 -1.23
C LYS E 215 -21.55 -9.68 -1.19
N SER E 216 -21.69 -8.48 -1.76
CA SER E 216 -22.97 -7.81 -1.87
C SER E 216 -23.07 -7.04 -3.19
N ALA E 221 -24.85 -9.47 -3.95
CA ALA E 221 -25.03 -10.91 -3.88
C ALA E 221 -26.50 -11.28 -3.72
N ALA E 222 -27.36 -10.62 -4.48
CA ALA E 222 -28.80 -10.87 -4.41
C ALA E 222 -29.15 -12.29 -4.89
N ARG E 223 -28.54 -12.70 -6.01
CA ARG E 223 -28.78 -14.00 -6.66
C ARG E 223 -27.94 -14.11 -7.97
N THR E 224 -26.75 -13.53 -7.95
CA THR E 224 -26.01 -13.23 -9.17
C THR E 224 -25.62 -14.48 -9.94
N PHE E 225 -25.69 -14.42 -11.27
CA PHE E 225 -25.37 -15.55 -12.14
C PHE E 225 -24.59 -15.10 -13.40
N LEU E 226 -24.94 -15.65 -14.57
CA LEU E 226 -24.15 -15.56 -15.80
C LEU E 226 -22.77 -16.24 -15.65
N GLN E 227 -22.03 -15.86 -14.61
CA GLN E 227 -20.81 -16.57 -14.23
C GLN E 227 -20.68 -16.69 -12.71
N GLN E 228 -20.53 -15.56 -12.03
CA GLN E 228 -20.23 -15.58 -10.59
C GLN E 228 -21.39 -15.04 -9.76
#